data_1BO5
#
_entry.id   1BO5
#
_cell.length_a   169.410
_cell.length_b   169.410
_cell.length_c   204.676
_cell.angle_alpha   90.00
_cell.angle_beta   90.00
_cell.angle_gamma   90.00
#
_symmetry.space_group_name_H-M   'P 41 21 2'
#
loop_
_entity.id
_entity.type
_entity.pdbx_description
1 polymer 'PROTEIN (GLYCEROL KINASE)'
2 non-polymer 1,6-di-O-phosphono-beta-D-fructofuranose
3 non-polymer GLYCEROL
#
_entity_poly.entity_id   1
_entity_poly.type   'polypeptide(L)'
_entity_poly.pdbx_seq_one_letter_code
;TEKKYIVALDQGTTSSRAVVMDHDANIISVSQREFEQIYPKPGWVEHDPMEIWATQSSTLVEVLAKADISSDQIAAIGIT
NQRETTIVWEKETGKPIYNAIVWQCRRTAEICEHLKRDGLEDYIRSNTGLVIDPYFSGTKVKWILDHVEGSRERARRGEL
LFGTVDTWLIWKMTQGRVHVTDYTNASRTMLFNIHTLDWDDKMLEVLDIPREMLPEVRRSSEVYGQTNIGGKGGTRIPIS
GIAGDQQAALFGQLCVKEGMAKNTYGTGCFMLMNTGEKAVKSENGLLTTIACGPTGEVNYALEGAVFMAGASIQWLRDEM
KLINDAYDSEYFATKVQNTNGVYVVPAFTGLGAPYWDPYARGAIFGLTRGVNANHIIRATLESIAYQTRDVLEAMQADSG
IRLHALRVDGGAVANNFLMQFQSDILGTRVERPEVREVTALGAAYLAGLAVGFWQNLDELQEKAVIEREFRPGIETTERN
YRYAGWKKAVKRAMAWEEHDE
;
_entity_poly.pdbx_strand_id   O,Z
#
loop_
_chem_comp.id
_chem_comp.type
_chem_comp.name
_chem_comp.formula
FBP D-saccharide, beta linking 1,6-di-O-phosphono-beta-D-fructofuranose 'C6 H14 O12 P2'
GOL non-polymer GLYCEROL 'C3 H8 O3'
#
# COMPACT_ATOMS: atom_id res chain seq x y z
N GLU A 2 39.36 12.74 -27.91
CA GLU A 2 39.83 11.98 -26.75
C GLU A 2 39.21 12.48 -25.46
N LYS A 3 39.72 13.57 -24.91
CA LYS A 3 39.04 14.04 -23.74
C LYS A 3 37.66 14.56 -24.19
N LYS A 4 36.64 13.71 -24.07
CA LYS A 4 35.29 14.10 -24.46
C LYS A 4 34.32 14.16 -23.29
N TYR A 5 34.84 14.14 -22.07
CA TYR A 5 33.94 14.14 -20.98
C TYR A 5 34.35 14.94 -19.83
N ILE A 6 33.32 15.52 -19.30
CA ILE A 6 33.46 16.23 -18.09
C ILE A 6 32.77 15.39 -17.06
N VAL A 7 33.32 15.41 -15.85
CA VAL A 7 32.76 14.62 -14.79
C VAL A 7 32.51 15.50 -13.60
N ALA A 8 31.33 15.36 -13.02
CA ALA A 8 30.99 16.17 -11.85
C ALA A 8 30.92 15.39 -10.55
N LEU A 9 31.49 15.95 -9.54
CA LEU A 9 31.38 15.25 -8.29
C LEU A 9 30.49 16.05 -7.41
N ASP A 10 29.36 15.47 -7.12
CA ASP A 10 28.37 16.15 -6.34
C ASP A 10 28.19 15.51 -4.99
N GLN A 11 28.93 16.06 -4.03
CA GLN A 11 28.87 15.53 -2.72
C GLN A 11 27.76 16.15 -1.91
N GLY A 12 26.66 15.40 -1.88
CA GLY A 12 25.49 15.86 -1.20
C GLY A 12 25.48 15.62 0.28
N THR A 13 24.40 16.04 0.86
CA THR A 13 24.22 15.90 2.25
C THR A 13 23.91 14.49 2.64
N THR A 14 23.15 13.78 1.83
CA THR A 14 22.79 12.43 2.22
C THR A 14 23.37 11.35 1.33
N SER A 15 24.06 11.79 0.28
CA SER A 15 24.71 10.92 -0.69
C SER A 15 25.62 11.65 -1.66
N SER A 16 26.64 10.92 -2.03
CA SER A 16 27.61 11.33 -3.00
C SER A 16 27.18 10.79 -4.34
N ARG A 17 27.41 11.59 -5.36
CA ARG A 17 26.97 11.30 -6.70
C ARG A 17 28.07 11.64 -7.69
N ALA A 18 27.95 11.07 -8.87
CA ALA A 18 28.92 11.35 -9.91
C ALA A 18 28.26 11.32 -11.26
N VAL A 19 28.59 12.32 -12.05
CA VAL A 19 27.96 12.46 -13.33
C VAL A 19 28.95 12.60 -14.47
N VAL A 20 28.68 11.85 -15.52
CA VAL A 20 29.54 11.89 -16.65
C VAL A 20 28.90 12.70 -17.72
N MET A 21 29.60 13.74 -18.14
CA MET A 21 29.07 14.55 -19.17
C MET A 21 29.82 14.72 -20.44
N ASP A 22 29.03 14.80 -21.51
CA ASP A 22 29.58 14.99 -22.83
C ASP A 22 29.58 16.43 -23.28
N HIS A 23 30.23 16.64 -24.41
CA HIS A 23 30.35 17.98 -24.89
C HIS A 23 29.00 18.57 -25.18
N ASP A 24 28.09 17.70 -25.52
CA ASP A 24 26.77 18.19 -25.77
C ASP A 24 26.08 18.43 -24.45
N ALA A 25 26.86 18.33 -23.39
CA ALA A 25 26.36 18.56 -22.06
C ALA A 25 25.22 17.62 -21.78
N ASN A 26 25.39 16.39 -22.26
CA ASN A 26 24.41 15.36 -22.04
C ASN A 26 24.81 14.43 -20.91
N ILE A 27 23.85 14.06 -20.07
CA ILE A 27 24.27 13.17 -19.02
C ILE A 27 24.52 11.80 -19.56
N ILE A 28 25.70 11.34 -19.35
CA ILE A 28 26.01 10.09 -19.95
C ILE A 28 25.86 8.99 -18.97
N SER A 29 26.30 9.22 -17.74
CA SER A 29 26.18 8.18 -16.72
C SER A 29 26.15 8.79 -15.35
N VAL A 30 25.58 8.06 -14.40
CA VAL A 30 25.48 8.58 -13.06
C VAL A 30 25.66 7.55 -11.97
N SER A 31 26.17 7.95 -10.81
CA SER A 31 26.32 6.99 -9.75
C SER A 31 26.00 7.63 -8.44
N GLN A 32 25.49 6.82 -7.48
CA GLN A 32 25.11 7.34 -6.16
C GLN A 32 25.52 6.42 -5.08
N ARG A 33 25.84 6.99 -3.95
CA ARG A 33 26.15 6.16 -2.85
C ARG A 33 25.70 6.87 -1.63
N GLU A 34 24.73 6.30 -0.89
CA GLU A 34 24.36 7.03 0.30
C GLU A 34 25.34 6.71 1.39
N PHE A 35 25.35 7.62 2.37
CA PHE A 35 26.14 7.59 3.58
C PHE A 35 25.27 7.97 4.78
N GLU A 36 25.72 7.51 5.92
CA GLU A 36 25.05 7.62 7.20
C GLU A 36 25.00 8.97 7.77
N GLN A 37 23.81 9.28 8.19
CA GLN A 37 23.51 10.53 8.77
C GLN A 37 23.60 10.41 10.27
N ILE A 38 24.76 10.74 10.82
CA ILE A 38 24.93 10.61 12.25
C ILE A 38 24.27 11.65 13.12
N TYR A 39 23.47 11.17 14.10
CA TYR A 39 22.82 12.10 15.00
C TYR A 39 23.14 11.85 16.45
N PRO A 40 24.35 12.17 16.81
CA PRO A 40 24.89 12.02 18.17
C PRO A 40 23.87 12.30 19.27
N LYS A 41 23.00 13.23 18.99
CA LYS A 41 21.99 13.60 19.91
C LYS A 41 21.19 14.68 19.26
N PRO A 42 19.99 14.75 19.70
CA PRO A 42 19.00 15.60 19.13
C PRO A 42 19.43 16.99 18.81
N GLY A 43 19.40 17.31 17.51
CA GLY A 43 19.80 18.65 17.06
C GLY A 43 21.24 18.66 16.59
N TRP A 44 21.77 17.46 16.54
CA TRP A 44 23.12 17.28 16.13
C TRP A 44 23.18 16.41 14.93
N VAL A 45 23.97 16.86 14.01
CA VAL A 45 24.10 16.08 12.83
C VAL A 45 25.54 15.94 12.40
N GLU A 46 25.96 14.71 12.20
CA GLU A 46 27.31 14.51 11.77
C GLU A 46 27.36 13.70 10.54
N HIS A 47 28.57 13.56 10.06
CA HIS A 47 28.90 12.78 8.89
C HIS A 47 30.31 12.18 9.03
N ASP A 48 30.56 11.08 8.39
CA ASP A 48 31.93 10.62 8.45
C ASP A 48 32.78 11.17 7.30
N PRO A 49 33.80 11.92 7.72
CA PRO A 49 34.69 12.51 6.76
C PRO A 49 35.19 11.47 5.82
N MET A 50 35.30 10.29 6.41
CA MET A 50 35.75 9.16 5.65
C MET A 50 34.71 8.56 4.74
N GLU A 51 33.52 8.42 5.30
CA GLU A 51 32.41 7.89 4.56
C GLU A 51 32.17 8.79 3.36
N ILE A 52 32.29 10.09 3.59
CA ILE A 52 32.08 10.96 2.46
C ILE A 52 33.07 10.62 1.38
N TRP A 53 34.26 10.82 1.80
CA TRP A 53 35.33 10.60 0.92
C TRP A 53 35.15 9.31 0.14
N ALA A 54 34.92 8.30 0.93
CA ALA A 54 34.78 6.98 0.39
C ALA A 54 33.68 6.89 -0.62
N THR A 55 32.47 7.24 -0.21
CA THR A 55 31.38 7.19 -1.15
C THR A 55 31.63 8.05 -2.38
N GLN A 56 32.27 9.24 -2.19
CA GLN A 56 32.52 10.13 -3.30
C GLN A 56 33.51 9.60 -4.32
N SER A 57 34.49 8.90 -3.78
CA SER A 57 35.50 8.40 -4.64
C SER A 57 35.03 7.30 -5.55
N SER A 58 34.61 6.26 -4.88
CA SER A 58 34.09 5.05 -5.47
C SER A 58 33.09 5.31 -6.58
N THR A 59 32.22 6.32 -6.35
CA THR A 59 31.19 6.65 -7.31
C THR A 59 31.86 7.18 -8.53
N LEU A 60 32.75 8.11 -8.27
CA LEU A 60 33.54 8.66 -9.32
C LEU A 60 34.02 7.51 -10.19
N VAL A 61 34.53 6.52 -9.53
CA VAL A 61 34.95 5.35 -10.26
C VAL A 61 33.78 4.64 -10.93
N GLU A 62 32.79 4.28 -10.16
CA GLU A 62 31.65 3.57 -10.69
C GLU A 62 31.06 4.15 -11.97
N VAL A 63 30.71 5.44 -11.95
CA VAL A 63 30.13 6.08 -13.13
C VAL A 63 30.90 5.76 -14.37
N LEU A 64 32.20 5.91 -14.26
CA LEU A 64 33.02 5.68 -15.43
C LEU A 64 32.98 4.24 -15.83
N ALA A 65 33.17 3.41 -14.83
CA ALA A 65 33.21 1.99 -15.01
C ALA A 65 32.09 1.48 -15.85
N LYS A 66 30.91 1.74 -15.32
CA LYS A 66 29.71 1.30 -15.91
C LYS A 66 29.57 1.80 -17.32
N ALA A 67 30.06 3.01 -17.51
CA ALA A 67 29.93 3.64 -18.79
C ALA A 67 31.02 3.26 -19.76
N ASP A 68 31.96 2.48 -19.27
CA ASP A 68 33.10 2.08 -20.06
C ASP A 68 33.88 3.26 -20.52
N ILE A 69 34.12 4.16 -19.61
CA ILE A 69 34.89 5.30 -19.96
C ILE A 69 36.16 5.21 -19.17
N SER A 70 37.23 5.79 -19.74
CA SER A 70 38.54 5.78 -19.11
C SER A 70 39.05 7.14 -18.74
N SER A 71 39.92 7.12 -17.74
CA SER A 71 40.56 8.31 -17.21
C SER A 71 40.88 9.29 -18.33
N ASP A 72 41.67 8.74 -19.25
CA ASP A 72 42.14 9.45 -20.39
C ASP A 72 41.06 9.98 -21.29
N GLN A 73 39.84 10.04 -20.86
CA GLN A 73 38.87 10.65 -21.75
C GLN A 73 38.14 11.73 -21.00
N ILE A 74 38.51 11.82 -19.73
CA ILE A 74 37.89 12.80 -18.90
C ILE A 74 38.69 14.00 -19.12
N ALA A 75 37.97 14.95 -19.68
CA ALA A 75 38.53 16.23 -19.97
C ALA A 75 38.83 16.96 -18.65
N ALA A 76 37.93 16.81 -17.67
CA ALA A 76 38.14 17.42 -16.38
C ALA A 76 37.05 17.07 -15.41
N ILE A 77 37.31 17.41 -14.17
CA ILE A 77 36.39 17.14 -13.10
C ILE A 77 36.02 18.40 -12.36
N GLY A 78 34.69 18.58 -12.22
CA GLY A 78 34.07 19.66 -11.47
C GLY A 78 33.79 19.16 -10.04
N ILE A 79 33.55 20.08 -9.11
CA ILE A 79 33.27 19.68 -7.75
C ILE A 79 32.21 20.55 -7.05
N THR A 80 31.13 19.94 -6.60
CA THR A 80 30.13 20.68 -5.84
C THR A 80 29.87 19.98 -4.56
N ASN A 81 29.52 20.73 -3.56
CA ASN A 81 29.31 20.01 -2.37
C ASN A 81 28.27 20.64 -1.54
N GLN A 82 28.01 20.01 -0.42
CA GLN A 82 27.12 20.56 0.51
C GLN A 82 27.88 21.60 1.25
N ARG A 83 27.27 22.75 1.38
CA ARG A 83 27.95 23.85 2.01
C ARG A 83 27.98 23.74 3.54
N GLU A 84 28.78 24.67 4.07
CA GLU A 84 29.02 24.91 5.51
C GLU A 84 29.55 23.68 6.28
N THR A 85 29.04 22.48 6.02
CA THR A 85 29.56 21.37 6.80
C THR A 85 31.03 21.40 6.70
N THR A 86 31.58 21.47 7.90
CA THR A 86 32.97 21.65 8.27
C THR A 86 33.74 20.41 8.70
N ILE A 87 35.06 20.38 8.40
CA ILE A 87 35.96 19.27 8.75
C ILE A 87 37.39 19.65 9.15
N VAL A 88 37.92 18.95 10.14
CA VAL A 88 39.27 19.23 10.60
C VAL A 88 40.12 17.99 10.77
N TRP A 89 41.16 17.93 10.00
CA TRP A 89 41.97 16.78 10.14
C TRP A 89 43.41 17.12 10.23
N GLU A 90 44.16 16.05 10.54
CA GLU A 90 45.59 16.03 10.69
C GLU A 90 46.19 16.10 9.33
N LYS A 91 47.03 17.12 9.14
CA LYS A 91 47.66 17.32 7.87
C LYS A 91 48.58 16.17 7.54
N GLU A 92 49.28 15.82 8.58
CA GLU A 92 50.23 14.78 8.48
C GLU A 92 49.65 13.47 7.97
N THR A 93 48.64 13.00 8.70
CA THR A 93 47.98 11.75 8.44
C THR A 93 46.74 11.84 7.59
N GLY A 94 46.14 13.04 7.52
CA GLY A 94 44.87 13.25 6.83
C GLY A 94 43.75 12.61 7.67
N LYS A 95 44.02 12.50 8.94
CA LYS A 95 43.10 11.90 9.80
C LYS A 95 42.26 12.95 10.45
N PRO A 96 40.95 12.90 10.27
CA PRO A 96 40.13 13.92 10.89
C PRO A 96 40.33 13.87 12.36
N ILE A 97 40.20 15.00 12.97
CA ILE A 97 40.31 14.92 14.39
C ILE A 97 38.91 14.88 14.93
N TYR A 98 37.96 14.97 14.00
CA TYR A 98 36.57 14.97 14.38
C TYR A 98 35.63 15.07 13.21
N ASN A 99 34.68 14.17 13.32
CA ASN A 99 33.56 14.01 12.42
C ASN A 99 33.13 15.27 11.74
N ALA A 100 32.65 15.13 10.52
CA ALA A 100 32.17 16.33 9.91
C ALA A 100 30.92 16.77 10.60
N ILE A 101 30.92 18.04 10.96
CA ILE A 101 29.80 18.66 11.59
C ILE A 101 29.02 19.32 10.49
N VAL A 102 27.90 18.71 10.19
CA VAL A 102 27.06 19.16 9.11
C VAL A 102 26.41 20.56 9.25
N TRP A 103 26.08 21.14 8.11
CA TRP A 103 25.49 22.44 8.13
C TRP A 103 24.30 22.57 9.06
N GLN A 104 23.41 21.59 9.05
CA GLN A 104 22.30 21.67 9.98
C GLN A 104 22.68 21.52 11.47
N CYS A 105 23.85 21.02 11.78
CA CYS A 105 24.08 20.84 13.19
C CYS A 105 23.82 22.11 13.97
N ARG A 106 23.11 21.96 15.08
CA ARG A 106 22.74 23.09 15.92
C ARG A 106 23.66 23.30 17.14
N ARG A 107 24.68 22.51 17.32
CA ARG A 107 25.47 22.73 18.53
C ARG A 107 26.12 24.16 18.71
N THR A 108 26.64 24.74 17.64
CA THR A 108 27.24 26.05 17.81
C THR A 108 26.30 27.11 18.29
N ALA A 109 25.13 26.77 18.74
CA ALA A 109 24.30 27.88 19.15
C ALA A 109 24.87 28.74 20.30
N GLU A 110 25.41 28.10 21.36
CA GLU A 110 25.86 28.93 22.44
C GLU A 110 26.82 29.99 22.04
N ILE A 111 27.74 29.56 21.24
CA ILE A 111 28.71 30.47 20.71
C ILE A 111 27.98 31.56 19.93
N CYS A 112 27.10 31.16 19.03
CA CYS A 112 26.36 32.15 18.30
C CYS A 112 25.82 33.18 19.29
N GLU A 113 25.45 32.65 20.45
CA GLU A 113 24.89 33.44 21.49
C GLU A 113 25.79 34.58 21.87
N HIS A 114 26.99 34.24 22.22
CA HIS A 114 27.98 35.23 22.55
C HIS A 114 28.13 36.11 21.37
N LEU A 115 28.54 35.52 20.28
CA LEU A 115 28.58 36.37 19.12
C LEU A 115 27.52 37.46 19.24
N LYS A 116 26.25 37.05 19.39
CA LYS A 116 25.19 38.05 19.48
C LYS A 116 25.55 39.09 20.49
N ARG A 117 25.75 38.58 21.68
CA ARG A 117 26.11 39.27 22.89
C ARG A 117 27.20 40.33 22.70
N ASP A 118 28.32 39.95 22.09
CA ASP A 118 29.36 40.94 21.85
C ASP A 118 28.97 41.83 20.67
N GLY A 119 27.77 41.66 20.20
CA GLY A 119 27.18 42.47 19.16
C GLY A 119 27.93 42.64 17.86
N LEU A 120 28.07 41.54 17.14
CA LEU A 120 28.72 41.60 15.85
C LEU A 120 27.76 41.58 14.67
N GLU A 121 26.55 41.16 14.97
CA GLU A 121 25.52 41.13 13.97
C GLU A 121 26.05 41.68 12.66
N ASP A 122 26.23 43.01 12.70
CA ASP A 122 26.63 43.82 11.57
C ASP A 122 28.01 43.53 11.09
N TYR A 123 28.96 43.75 11.94
CA TYR A 123 30.25 43.39 11.46
C TYR A 123 30.09 42.24 10.48
N ILE A 124 29.70 41.10 11.05
CA ILE A 124 29.51 39.87 10.31
C ILE A 124 28.71 40.07 9.07
N ARG A 125 27.50 40.53 9.30
CA ARG A 125 26.67 40.71 8.14
C ARG A 125 27.37 41.52 7.09
N SER A 126 28.05 42.54 7.61
CA SER A 126 28.73 43.49 6.78
C SER A 126 29.90 42.90 6.05
N ASN A 127 30.70 42.14 6.78
CA ASN A 127 31.82 41.50 6.17
C ASN A 127 31.59 40.14 5.53
N THR A 128 30.73 39.31 6.14
CA THR A 128 30.46 37.98 5.61
C THR A 128 29.24 37.96 4.72
N GLY A 129 28.18 38.63 5.11
CA GLY A 129 26.94 38.61 4.33
C GLY A 129 25.92 37.77 5.13
N LEU A 130 26.54 37.05 6.04
CA LEU A 130 25.90 36.10 6.90
C LEU A 130 25.17 36.66 8.07
N VAL A 131 24.48 35.73 8.71
CA VAL A 131 23.65 35.94 9.88
C VAL A 131 24.17 35.03 10.97
N ILE A 132 23.99 35.39 12.23
CA ILE A 132 24.56 34.54 13.26
C ILE A 132 23.86 33.23 13.45
N ASP A 133 24.57 32.17 13.09
CA ASP A 133 23.93 30.90 13.16
C ASP A 133 24.88 29.77 13.21
N PRO A 134 24.36 28.79 13.90
CA PRO A 134 25.05 27.53 13.99
C PRO A 134 25.15 26.89 12.59
N TYR A 135 24.38 27.44 11.64
CA TYR A 135 24.39 27.03 10.24
C TYR A 135 25.79 27.12 9.65
N PHE A 136 26.53 28.14 10.07
CA PHE A 136 27.82 28.40 9.49
C PHE A 136 29.07 27.91 10.18
N SER A 137 30.03 27.64 9.28
CA SER A 137 31.36 27.10 9.52
C SER A 137 32.12 27.58 10.73
N GLY A 138 32.39 28.90 10.74
CA GLY A 138 33.17 29.51 11.79
C GLY A 138 33.00 28.79 13.12
N THR A 139 31.81 29.08 13.68
CA THR A 139 31.40 28.51 14.96
C THR A 139 31.88 27.06 15.05
N LYS A 140 31.41 26.23 14.10
CA LYS A 140 31.74 24.80 14.00
C LYS A 140 33.18 24.48 14.45
N VAL A 141 34.11 24.90 13.59
CA VAL A 141 35.53 24.80 13.81
C VAL A 141 35.96 25.08 15.24
N LYS A 142 35.60 26.30 15.65
CA LYS A 142 35.93 26.73 16.96
C LYS A 142 35.52 25.64 17.92
N TRP A 143 34.26 25.27 17.83
CA TRP A 143 33.82 24.20 18.67
C TRP A 143 34.76 22.99 18.61
N ILE A 144 35.14 22.62 17.43
CA ILE A 144 35.99 21.48 17.35
C ILE A 144 37.27 21.67 18.09
N LEU A 145 37.90 22.79 17.86
CA LEU A 145 39.17 23.09 18.51
C LEU A 145 38.99 23.17 19.99
N ASP A 146 37.91 23.84 20.28
CA ASP A 146 37.53 24.01 21.62
C ASP A 146 37.36 22.64 22.16
N HIS A 147 36.61 21.83 21.44
CA HIS A 147 36.39 20.51 21.96
C HIS A 147 37.62 19.61 22.05
N VAL A 148 38.55 19.79 21.13
CA VAL A 148 39.72 18.92 21.19
C VAL A 148 40.89 19.46 21.97
N GLU A 149 41.50 18.57 22.72
CA GLU A 149 42.61 18.94 23.54
C GLU A 149 43.70 19.85 23.01
N GLY A 150 44.63 19.35 22.21
CA GLY A 150 45.74 20.19 21.73
C GLY A 150 45.49 21.07 20.50
N SER A 151 44.46 20.69 19.74
CA SER A 151 44.04 21.34 18.52
C SER A 151 44.66 22.71 18.26
N ARG A 152 44.13 23.69 19.00
CA ARG A 152 44.56 25.05 18.79
C ARG A 152 46.02 25.15 18.50
N GLU A 153 46.81 24.66 19.42
CA GLU A 153 48.24 24.68 19.23
C GLU A 153 48.61 24.04 17.91
N ARG A 154 48.44 22.72 17.82
CA ARG A 154 48.78 22.05 16.61
C ARG A 154 48.28 22.79 15.41
N ALA A 155 47.14 23.47 15.61
CA ALA A 155 46.51 24.21 14.55
C ALA A 155 47.44 25.29 14.05
N ARG A 156 48.00 25.98 15.09
CA ARG A 156 48.98 27.08 15.06
C ARG A 156 50.29 26.53 14.60
N ARG A 157 50.69 25.40 15.21
CA ARG A 157 51.85 24.73 14.71
C ARG A 157 51.54 24.30 13.26
N GLY A 158 50.24 24.38 12.86
CA GLY A 158 49.72 24.10 11.51
C GLY A 158 49.81 22.64 11.10
N GLU A 159 49.72 21.76 12.08
CA GLU A 159 49.74 20.36 11.77
C GLU A 159 48.29 19.97 11.50
N LEU A 160 47.45 20.93 11.93
CA LEU A 160 46.02 20.85 11.79
C LEU A 160 45.48 21.62 10.61
N LEU A 161 44.52 20.97 9.99
CA LEU A 161 43.85 21.43 8.79
C LEU A 161 42.32 21.52 8.80
N PHE A 162 41.84 22.60 8.17
CA PHE A 162 40.42 22.85 8.07
C PHE A 162 39.96 22.92 6.69
N GLY A 163 38.72 22.46 6.50
CA GLY A 163 38.09 22.56 5.22
C GLY A 163 36.60 22.15 5.16
N THR A 164 36.02 22.66 4.11
CA THR A 164 34.69 22.35 3.72
C THR A 164 34.76 21.18 2.77
N VAL A 165 33.60 20.72 2.33
CA VAL A 165 33.61 19.56 1.49
C VAL A 165 34.52 19.57 0.27
N ASP A 166 34.30 20.55 -0.61
CA ASP A 166 35.15 20.73 -1.77
C ASP A 166 36.63 20.60 -1.38
N THR A 167 36.96 21.32 -0.33
CA THR A 167 38.31 21.32 0.14
C THR A 167 38.83 19.91 0.39
N TRP A 168 38.15 19.27 1.34
CA TRP A 168 38.44 17.93 1.81
C TRP A 168 38.63 16.97 0.65
N LEU A 169 37.55 16.90 -0.10
CA LEU A 169 37.53 16.06 -1.25
C LEU A 169 38.77 16.27 -2.09
N ILE A 170 38.92 17.51 -2.50
CA ILE A 170 40.02 17.79 -3.32
C ILE A 170 41.31 17.36 -2.72
N TRP A 171 41.49 17.72 -1.47
CA TRP A 171 42.73 17.38 -0.83
C TRP A 171 43.03 15.94 -0.99
N LYS A 172 42.00 15.19 -0.69
CA LYS A 172 42.05 13.76 -0.77
C LYS A 172 42.37 13.30 -2.15
N MET A 173 41.78 13.95 -3.14
CA MET A 173 42.03 13.53 -4.51
C MET A 173 43.42 13.83 -4.91
N THR A 174 44.09 14.67 -4.16
CA THR A 174 45.44 14.99 -4.52
C THR A 174 46.43 14.56 -3.49
N GLN A 175 46.16 13.48 -2.82
CA GLN A 175 47.11 13.07 -1.83
C GLN A 175 47.61 14.25 -1.03
N GLY A 176 46.67 15.10 -0.69
CA GLY A 176 46.96 16.23 0.13
C GLY A 176 47.95 17.17 -0.50
N ARG A 177 48.09 17.02 -1.78
CA ARG A 177 48.98 17.90 -2.48
C ARG A 177 48.37 19.30 -2.56
N VAL A 178 47.03 19.39 -2.56
CA VAL A 178 46.38 20.69 -2.68
C VAL A 178 45.28 20.98 -1.65
N HIS A 179 45.39 22.17 -1.06
CA HIS A 179 44.45 22.58 -0.01
C HIS A 179 43.80 23.90 -0.31
N VAL A 180 42.76 23.85 -1.11
CA VAL A 180 42.11 25.07 -1.45
C VAL A 180 40.60 24.89 -1.45
N THR A 181 39.87 26.00 -1.50
CA THR A 181 38.42 26.02 -1.60
C THR A 181 38.11 27.07 -2.64
N ASP A 182 36.83 27.33 -2.92
CA ASP A 182 36.48 28.37 -3.89
C ASP A 182 35.79 29.52 -3.21
N TYR A 183 35.41 30.50 -3.99
CA TYR A 183 34.77 31.64 -3.35
C TYR A 183 33.42 31.30 -2.69
N THR A 184 32.50 30.85 -3.55
CA THR A 184 31.23 30.43 -3.12
C THR A 184 31.42 29.67 -1.84
N ASN A 185 32.26 28.70 -1.90
CA ASN A 185 32.51 27.94 -0.72
C ASN A 185 32.98 28.78 0.51
N ALA A 186 34.07 29.52 0.39
CA ALA A 186 34.62 30.33 1.45
C ALA A 186 33.63 31.33 2.03
N SER A 187 32.86 31.95 1.17
CA SER A 187 31.90 32.95 1.57
C SER A 187 30.88 32.50 2.61
N ARG A 188 30.98 31.22 2.95
CA ARG A 188 30.00 30.58 3.82
C ARG A 188 30.51 30.16 5.15
N THR A 189 31.79 30.40 5.36
CA THR A 189 32.43 29.95 6.58
C THR A 189 32.19 30.90 7.72
N MET A 190 31.97 32.15 7.31
CA MET A 190 31.80 33.24 8.23
C MET A 190 33.15 33.74 8.67
N LEU A 191 34.15 33.38 7.89
CA LEU A 191 35.52 33.79 8.13
C LEU A 191 36.08 34.34 6.85
N PHE A 192 35.20 34.65 5.95
CA PHE A 192 35.66 35.16 4.72
C PHE A 192 34.89 36.39 4.40
N ASN A 193 35.69 37.42 4.17
CA ASN A 193 35.23 38.72 3.82
C ASN A 193 34.85 38.76 2.37
N ILE A 194 33.57 38.90 2.14
CA ILE A 194 33.02 38.85 0.81
C ILE A 194 33.21 40.09 -0.07
N HIS A 195 33.88 41.14 0.44
CA HIS A 195 34.08 42.30 -0.41
C HIS A 195 35.53 42.48 -0.71
N THR A 196 36.27 42.12 0.30
CA THR A 196 37.66 42.17 0.27
C THR A 196 38.15 40.96 -0.47
N LEU A 197 37.48 39.87 -0.20
CA LEU A 197 37.75 38.59 -0.80
C LEU A 197 38.91 37.86 -0.21
N ASP A 198 38.98 37.83 1.12
CA ASP A 198 40.02 37.10 1.82
C ASP A 198 39.57 36.80 3.23
N TRP A 199 40.20 35.86 3.89
CA TRP A 199 39.86 35.53 5.25
C TRP A 199 39.80 36.77 6.12
N ASP A 200 38.80 36.88 6.98
CA ASP A 200 38.63 38.02 7.82
C ASP A 200 39.33 37.96 9.19
N ASP A 201 40.45 38.65 9.27
CA ASP A 201 41.20 38.60 10.48
C ASP A 201 40.37 38.75 11.67
N LYS A 202 39.58 39.81 11.66
CA LYS A 202 38.74 39.98 12.83
C LYS A 202 38.03 38.67 13.11
N MET A 203 37.46 38.17 12.02
CA MET A 203 36.75 36.95 12.09
C MET A 203 37.59 35.93 12.77
N LEU A 204 38.68 35.62 12.13
CA LEU A 204 39.50 34.58 12.70
C LEU A 204 39.81 34.89 14.13
N GLU A 205 39.99 36.17 14.30
CA GLU A 205 40.35 36.64 15.58
C GLU A 205 39.39 36.21 16.62
N VAL A 206 38.15 36.59 16.41
CA VAL A 206 37.13 36.34 17.38
C VAL A 206 36.81 34.89 17.60
N LEU A 207 36.89 34.13 16.55
CA LEU A 207 36.55 32.75 16.73
C LEU A 207 37.74 32.01 17.24
N ASP A 208 38.87 32.65 17.12
CA ASP A 208 40.09 32.04 17.53
C ASP A 208 40.42 30.93 16.56
N ILE A 209 40.88 31.31 15.38
CA ILE A 209 41.18 30.30 14.39
C ILE A 209 42.50 30.42 13.64
N PRO A 210 43.54 29.82 14.17
CA PRO A 210 44.82 29.83 13.49
C PRO A 210 44.66 29.87 11.99
N ARG A 211 45.03 31.01 11.37
CA ARG A 211 44.96 31.18 9.93
C ARG A 211 45.64 30.01 9.27
N GLU A 212 46.59 29.47 10.02
CA GLU A 212 47.40 28.30 9.74
C GLU A 212 46.61 27.07 9.32
N MET A 213 45.31 27.12 9.60
CA MET A 213 44.36 26.06 9.37
C MET A 213 43.68 26.08 8.03
N LEU A 214 43.57 27.28 7.45
CA LEU A 214 42.82 27.49 6.24
C LEU A 214 43.52 27.20 4.93
N PRO A 215 42.72 27.22 3.89
CA PRO A 215 43.17 26.91 2.56
C PRO A 215 43.14 28.10 1.65
N GLU A 216 43.81 27.90 0.53
CA GLU A 216 43.93 28.84 -0.57
C GLU A 216 42.57 29.03 -1.24
N VAL A 217 42.02 30.24 -1.18
CA VAL A 217 40.72 30.48 -1.81
C VAL A 217 40.85 30.79 -3.27
N ARG A 218 40.30 29.99 -4.15
CA ARG A 218 40.42 30.27 -5.57
C ARG A 218 39.12 30.51 -6.32
N ARG A 219 39.23 30.67 -7.64
CA ARG A 219 38.06 30.94 -8.43
C ARG A 219 37.35 29.70 -8.91
N SER A 220 36.04 29.76 -8.71
CA SER A 220 35.09 28.71 -9.01
C SER A 220 35.43 27.95 -10.28
N SER A 221 36.09 28.59 -11.21
CA SER A 221 36.46 27.82 -12.35
C SER A 221 37.88 28.08 -12.77
N GLU A 222 38.76 27.19 -12.35
CA GLU A 222 40.19 27.29 -12.53
C GLU A 222 40.77 25.91 -12.40
N VAL A 223 42.04 25.77 -12.71
CA VAL A 223 42.68 24.49 -12.52
C VAL A 223 43.39 24.42 -11.18
N TYR A 224 42.88 23.62 -10.33
CA TYR A 224 43.46 23.63 -9.07
C TYR A 224 44.50 22.55 -8.96
N GLY A 225 44.37 21.53 -9.82
CA GLY A 225 45.27 20.38 -9.79
C GLY A 225 44.82 19.19 -10.64
N GLN A 226 45.28 18.01 -10.24
CA GLN A 226 44.89 16.84 -10.98
C GLN A 226 44.98 15.60 -10.15
N THR A 227 44.25 14.57 -10.54
CA THR A 227 44.18 13.37 -9.71
C THR A 227 44.40 12.11 -10.51
N ASN A 228 45.05 11.12 -9.83
CA ASN A 228 45.38 9.81 -10.42
C ASN A 228 44.47 8.69 -9.95
N ILE A 229 43.64 8.22 -10.87
CA ILE A 229 42.74 7.21 -10.46
C ILE A 229 42.99 5.92 -11.10
N GLY A 230 44.16 5.74 -11.65
CA GLY A 230 44.45 4.51 -12.34
C GLY A 230 44.04 4.58 -13.81
N GLY A 231 44.01 3.39 -14.42
CA GLY A 231 43.70 3.24 -15.81
C GLY A 231 44.98 3.08 -16.60
N LYS A 232 44.94 3.48 -17.86
CA LYS A 232 46.14 3.42 -18.63
C LYS A 232 47.15 4.36 -17.99
N GLY A 233 48.31 3.82 -17.66
CA GLY A 233 49.37 4.55 -16.99
C GLY A 233 49.67 5.96 -17.50
N GLY A 234 50.10 6.76 -16.53
CA GLY A 234 50.51 8.14 -16.70
C GLY A 234 49.39 9.11 -17.10
N THR A 235 48.18 8.88 -16.58
CA THR A 235 47.05 9.74 -16.89
C THR A 235 46.63 10.49 -15.66
N ARG A 236 46.41 11.80 -15.75
CA ARG A 236 45.96 12.57 -14.60
C ARG A 236 44.76 13.43 -14.92
N ILE A 237 43.76 13.47 -14.04
CA ILE A 237 42.64 14.30 -14.37
C ILE A 237 42.63 15.61 -13.63
N PRO A 238 42.43 16.65 -14.42
CA PRO A 238 42.34 17.97 -13.88
C PRO A 238 41.06 18.21 -13.08
N ILE A 239 41.23 19.04 -12.09
CA ILE A 239 40.15 19.50 -11.27
C ILE A 239 39.99 21.01 -11.57
N SER A 240 38.95 21.37 -12.29
CA SER A 240 38.84 22.74 -12.73
C SER A 240 37.52 23.47 -12.40
N GLY A 241 36.88 23.10 -11.32
CA GLY A 241 35.64 23.75 -11.04
C GLY A 241 35.21 23.48 -9.62
N ILE A 242 34.67 24.49 -8.95
CA ILE A 242 34.22 24.34 -7.60
C ILE A 242 33.24 25.37 -7.23
N ALA A 243 32.08 24.90 -6.91
CA ALA A 243 31.09 25.77 -6.39
C ALA A 243 30.30 25.03 -5.33
N GLY A 244 29.73 25.78 -4.42
CA GLY A 244 28.85 25.18 -3.44
C GLY A 244 27.64 24.69 -4.28
N ASP A 245 27.14 23.54 -3.90
CA ASP A 245 26.03 22.97 -4.61
C ASP A 245 25.02 24.04 -4.99
N GLN A 246 24.59 24.77 -3.99
CA GLN A 246 23.60 25.75 -4.21
C GLN A 246 23.93 26.59 -5.39
N GLN A 247 25.11 27.19 -5.31
CA GLN A 247 25.61 28.07 -6.35
C GLN A 247 25.79 27.36 -7.70
N ALA A 248 26.18 26.08 -7.60
CA ALA A 248 26.36 25.28 -8.77
C ALA A 248 25.08 25.23 -9.59
N ALA A 249 23.98 25.01 -8.85
CA ALA A 249 22.65 24.98 -9.43
C ALA A 249 22.33 26.30 -10.11
N LEU A 250 22.49 27.38 -9.36
CA LEU A 250 22.23 28.67 -9.95
C LEU A 250 22.93 28.84 -11.32
N PHE A 251 24.14 28.31 -11.38
CA PHE A 251 24.95 28.37 -12.55
C PHE A 251 24.38 27.46 -13.60
N GLY A 252 24.22 26.16 -13.26
CA GLY A 252 23.64 25.17 -14.17
C GLY A 252 22.34 25.73 -14.77
N GLN A 253 21.66 26.51 -13.93
CA GLN A 253 20.42 27.18 -14.26
C GLN A 253 20.66 28.39 -15.19
N LEU A 254 21.92 28.74 -15.32
CA LEU A 254 22.27 29.80 -16.21
C LEU A 254 21.96 31.19 -15.70
N CYS A 255 21.69 31.25 -14.42
CA CYS A 255 21.44 32.56 -13.89
C CYS A 255 22.74 33.25 -13.59
N VAL A 256 23.34 33.81 -14.63
CA VAL A 256 24.63 34.47 -14.41
C VAL A 256 24.49 35.98 -14.42
N LYS A 257 23.27 36.41 -14.63
CA LYS A 257 22.95 37.81 -14.68
C LYS A 257 22.09 38.24 -13.55
N GLU A 258 22.41 39.39 -13.04
CA GLU A 258 21.65 39.86 -11.92
C GLU A 258 20.16 39.81 -12.21
N GLY A 259 19.44 39.50 -11.08
CA GLY A 259 18.00 39.37 -11.01
C GLY A 259 17.53 37.99 -11.44
N MET A 260 18.47 37.15 -11.83
CA MET A 260 18.18 35.79 -12.21
C MET A 260 18.21 34.92 -10.97
N ALA A 261 17.18 34.07 -10.85
CA ALA A 261 17.10 33.25 -9.67
C ALA A 261 16.40 31.93 -9.88
N LYS A 262 16.71 31.05 -8.94
CA LYS A 262 16.08 29.77 -8.95
C LYS A 262 15.88 29.30 -7.54
N ASN A 263 15.04 28.24 -7.49
CA ASN A 263 14.74 27.51 -6.31
C ASN A 263 15.06 26.02 -6.44
N THR A 264 15.84 25.62 -5.48
CA THR A 264 16.28 24.27 -5.37
C THR A 264 15.61 23.52 -4.20
N TYR A 265 14.89 22.50 -4.67
CA TYR A 265 14.13 21.63 -3.83
C TYR A 265 14.88 20.41 -3.56
N GLY A 266 15.72 20.50 -2.54
CA GLY A 266 16.56 19.39 -2.18
C GLY A 266 16.64 19.06 -0.70
N THR A 267 17.82 18.84 -0.19
CA THR A 267 17.81 18.46 1.18
C THR A 267 17.07 19.47 2.01
N GLY A 268 17.38 20.71 1.72
CA GLY A 268 16.68 21.84 2.21
C GLY A 268 16.17 22.59 0.95
N CYS A 269 15.63 23.78 1.15
CA CYS A 269 15.22 24.56 0.03
C CYS A 269 16.19 25.68 -0.10
N PHE A 270 16.63 25.93 -1.34
CA PHE A 270 17.59 27.00 -1.59
C PHE A 270 17.25 27.81 -2.79
N MET A 271 16.88 29.06 -2.50
CA MET A 271 16.49 30.00 -3.54
C MET A 271 17.47 31.16 -3.60
N LEU A 272 18.10 31.28 -4.76
CA LEU A 272 19.10 32.32 -4.86
C LEU A 272 18.81 33.12 -6.03
N MET A 273 19.18 34.37 -5.93
CA MET A 273 19.08 35.27 -7.05
C MET A 273 20.34 36.03 -7.21
N ASN A 274 20.75 36.04 -8.46
CA ASN A 274 21.96 36.67 -8.85
C ASN A 274 21.89 38.18 -8.63
N THR A 275 22.87 38.71 -7.94
CA THR A 275 22.83 40.12 -7.75
C THR A 275 23.89 40.83 -8.53
N GLY A 276 24.26 40.18 -9.61
CA GLY A 276 25.29 40.70 -10.47
C GLY A 276 26.64 40.79 -9.77
N GLU A 277 27.28 41.93 -9.97
CA GLU A 277 28.57 42.16 -9.41
C GLU A 277 28.48 42.97 -8.21
N LYS A 278 27.25 43.19 -7.79
CA LYS A 278 26.96 44.00 -6.62
C LYS A 278 26.48 43.17 -5.45
N ALA A 279 27.01 43.51 -4.29
CA ALA A 279 26.56 42.87 -3.09
C ALA A 279 25.32 43.61 -2.60
N VAL A 280 24.28 42.85 -2.22
CA VAL A 280 23.00 43.42 -1.78
C VAL A 280 22.61 43.17 -0.33
N LYS A 281 22.28 44.21 0.36
CA LYS A 281 22.03 43.96 1.76
C LYS A 281 20.71 43.33 2.11
N SER A 282 20.74 42.45 3.12
CA SER A 282 19.47 41.90 3.43
C SER A 282 18.81 42.60 4.53
N GLU A 283 17.63 42.98 4.19
CA GLU A 283 16.87 43.65 5.18
C GLU A 283 15.81 42.72 5.69
N ASN A 284 15.67 41.65 4.93
CA ASN A 284 14.66 40.72 5.23
C ASN A 284 15.08 39.40 5.81
N GLY A 285 16.25 39.38 6.44
CA GLY A 285 16.71 38.13 7.05
C GLY A 285 17.09 37.06 6.01
N LEU A 286 17.79 37.54 5.01
CA LEU A 286 18.30 36.72 3.94
C LEU A 286 19.83 36.78 3.99
N LEU A 287 20.47 36.09 3.04
CA LEU A 287 21.90 36.16 3.04
C LEU A 287 22.42 36.82 1.79
N THR A 288 23.60 37.37 1.99
CA THR A 288 24.27 37.92 0.87
C THR A 288 25.46 37.05 0.61
N THR A 289 25.52 36.45 -0.60
CA THR A 289 26.65 35.65 -0.97
C THR A 289 27.15 35.75 -2.34
N ILE A 290 28.24 34.98 -2.45
CA ILE A 290 28.99 34.88 -3.64
C ILE A 290 28.45 33.89 -4.61
N ALA A 291 28.50 34.24 -5.87
CA ALA A 291 28.03 33.35 -6.86
C ALA A 291 28.92 33.36 -8.07
N CYS A 292 28.36 32.88 -9.17
CA CYS A 292 29.15 32.79 -10.37
C CYS A 292 28.84 33.74 -11.48
N GLY A 293 29.85 34.51 -11.81
CA GLY A 293 29.74 35.34 -12.97
C GLY A 293 29.52 34.38 -14.12
N PRO A 294 29.17 34.93 -15.27
CA PRO A 294 28.86 34.19 -16.50
C PRO A 294 29.90 33.15 -16.97
N THR A 295 31.03 33.12 -16.27
CA THR A 295 32.11 32.24 -16.57
C THR A 295 32.91 32.02 -15.33
N GLY A 296 32.16 31.89 -14.22
CA GLY A 296 32.71 31.52 -12.94
C GLY A 296 33.45 32.61 -12.26
N GLU A 297 33.24 33.80 -12.76
CA GLU A 297 33.91 34.86 -12.06
C GLU A 297 33.05 35.16 -10.86
N VAL A 298 33.55 36.00 -10.00
CA VAL A 298 32.74 36.37 -8.87
C VAL A 298 31.47 37.08 -9.24
N ASN A 299 30.43 36.78 -8.47
CA ASN A 299 29.17 37.48 -8.61
C ASN A 299 28.60 37.49 -7.22
N TYR A 300 27.39 37.95 -7.09
CA TYR A 300 26.75 37.88 -5.83
C TYR A 300 25.35 37.51 -6.07
N ALA A 301 24.78 37.14 -4.95
CA ALA A 301 23.43 36.74 -4.93
C ALA A 301 22.87 36.84 -3.56
N LEU A 302 21.54 36.83 -3.55
CA LEU A 302 20.73 36.86 -2.35
C LEU A 302 20.21 35.44 -2.17
N GLU A 303 20.32 34.99 -0.94
CA GLU A 303 19.91 33.64 -0.68
C GLU A 303 18.98 33.51 0.50
N GLY A 304 18.07 32.54 0.31
CA GLY A 304 17.12 32.06 1.29
C GLY A 304 17.41 30.57 1.52
N ALA A 305 17.75 30.24 2.78
CA ALA A 305 18.09 28.87 3.15
C ALA A 305 17.11 28.26 4.12
N VAL A 306 16.52 27.17 3.60
CA VAL A 306 15.52 26.36 4.27
C VAL A 306 16.05 24.99 4.52
N PHE A 307 16.35 24.71 5.78
CA PHE A 307 17.00 23.46 6.15
C PHE A 307 16.36 22.17 5.72
N MET A 308 15.03 22.10 5.85
CA MET A 308 14.29 20.90 5.61
C MET A 308 13.32 20.91 4.45
N ALA A 309 13.60 20.03 3.52
CA ALA A 309 12.78 19.83 2.34
C ALA A 309 12.75 18.34 2.03
N GLY A 310 13.47 17.89 1.05
CA GLY A 310 13.51 16.47 0.75
C GLY A 310 13.67 15.67 2.03
N ALA A 311 14.52 16.21 2.91
CA ALA A 311 14.72 15.63 4.20
C ALA A 311 13.40 15.27 4.87
N SER A 312 12.48 16.22 4.91
CA SER A 312 11.20 15.95 5.50
C SER A 312 10.66 14.66 4.90
N ILE A 313 10.61 14.65 3.59
CA ILE A 313 10.17 13.47 2.92
C ILE A 313 10.90 12.19 3.33
N GLN A 314 12.20 12.26 3.35
CA GLN A 314 12.92 11.07 3.74
C GLN A 314 12.48 10.69 5.13
N TRP A 315 12.38 11.67 5.99
CA TRP A 315 12.01 11.35 7.34
C TRP A 315 10.70 10.62 7.39
N LEU A 316 9.80 11.08 6.56
CA LEU A 316 8.55 10.39 6.54
C LEU A 316 8.80 8.92 6.28
N ARG A 317 9.52 8.73 5.21
CA ARG A 317 9.80 7.43 4.71
C ARG A 317 10.66 6.57 5.62
N ASP A 318 11.77 7.12 6.13
CA ASP A 318 12.62 6.30 6.94
C ASP A 318 12.35 6.32 8.41
N GLU A 319 11.90 7.45 8.93
CA GLU A 319 11.64 7.48 10.35
C GLU A 319 10.24 7.05 10.69
N MET A 320 9.31 7.78 10.12
CA MET A 320 7.93 7.51 10.37
C MET A 320 7.48 6.23 9.70
N LYS A 321 8.20 5.90 8.65
CA LYS A 321 7.88 4.73 7.86
C LYS A 321 6.47 4.91 7.28
N LEU A 322 6.11 6.16 7.02
CA LEU A 322 4.79 6.48 6.54
C LEU A 322 4.60 6.31 5.03
N ILE A 323 5.71 6.11 4.32
CA ILE A 323 5.68 5.88 2.90
C ILE A 323 6.89 5.07 2.62
N ASN A 324 6.87 4.55 1.42
CA ASN A 324 8.04 3.82 1.03
C ASN A 324 8.63 4.42 -0.25
N ASP A 325 9.29 3.56 -1.04
CA ASP A 325 9.76 4.17 -2.34
C ASP A 325 9.02 3.55 -3.44
N ALA A 326 8.07 2.76 -2.96
CA ALA A 326 7.07 2.05 -3.76
C ALA A 326 5.79 2.90 -3.87
N TYR A 327 5.50 3.47 -2.73
CA TYR A 327 4.40 4.36 -2.54
C TYR A 327 4.92 5.66 -2.06
N ASP A 328 4.73 6.61 -2.96
CA ASP A 328 5.15 7.98 -2.86
C ASP A 328 4.39 8.92 -1.94
N SER A 329 5.14 9.93 -1.49
CA SER A 329 4.56 10.99 -0.70
C SER A 329 3.37 11.46 -1.50
N GLU A 330 3.66 11.78 -2.74
CA GLU A 330 2.67 12.22 -3.66
C GLU A 330 1.49 11.28 -3.71
N TYR A 331 1.78 10.01 -3.89
CA TYR A 331 0.73 9.02 -3.89
C TYR A 331 -0.37 9.33 -2.90
N PHE A 332 -0.01 9.22 -1.63
CA PHE A 332 -0.87 9.47 -0.51
C PHE A 332 -1.34 10.88 -0.39
N ALA A 333 -0.40 11.77 -0.41
CA ALA A 333 -0.77 13.14 -0.28
C ALA A 333 -2.02 13.47 -1.10
N THR A 334 -2.12 12.81 -2.26
CA THR A 334 -3.24 13.07 -3.13
C THR A 334 -4.44 12.21 -2.83
N LYS A 335 -4.28 11.35 -1.82
CA LYS A 335 -5.38 10.53 -1.39
C LYS A 335 -6.42 11.40 -0.65
N VAL A 336 -5.97 12.52 -0.02
CA VAL A 336 -6.86 13.43 0.67
C VAL A 336 -6.87 14.71 -0.12
N GLN A 337 -7.71 15.67 0.29
CA GLN A 337 -7.85 16.93 -0.41
C GLN A 337 -7.40 18.06 0.40
N ASN A 338 -6.69 17.75 1.50
CA ASN A 338 -6.17 18.80 2.34
C ASN A 338 -5.55 18.23 3.59
N THR A 339 -4.78 19.03 4.32
CA THR A 339 -4.18 18.52 5.54
C THR A 339 -5.21 18.29 6.59
N ASN A 340 -6.40 18.69 6.22
CA ASN A 340 -7.47 18.54 7.15
C ASN A 340 -7.16 19.43 8.31
N GLY A 341 -6.58 20.58 7.99
CA GLY A 341 -6.20 21.60 8.96
C GLY A 341 -4.85 21.38 9.62
N VAL A 342 -4.20 20.30 9.26
CA VAL A 342 -2.95 20.03 9.88
C VAL A 342 -1.82 20.89 9.34
N TYR A 343 -0.84 21.17 10.17
CA TYR A 343 0.31 21.91 9.71
C TYR A 343 1.56 21.28 10.26
N VAL A 344 2.56 21.24 9.39
CA VAL A 344 3.80 20.64 9.80
C VAL A 344 4.93 21.67 9.85
N VAL A 345 5.56 21.83 11.01
CA VAL A 345 6.68 22.76 11.06
C VAL A 345 7.98 21.99 11.17
N PRO A 346 8.60 21.81 9.98
CA PRO A 346 9.84 21.08 9.76
C PRO A 346 11.04 21.73 10.40
N ALA A 347 10.94 22.00 11.66
CA ALA A 347 12.03 22.64 12.34
C ALA A 347 12.91 21.59 12.96
N PHE A 348 13.16 20.59 12.13
CA PHE A 348 13.92 19.45 12.56
C PHE A 348 15.31 19.83 12.97
N THR A 349 15.75 20.93 12.41
CA THR A 349 17.08 21.41 12.68
C THR A 349 16.96 22.88 13.01
N GLY A 350 15.92 23.25 13.76
CA GLY A 350 15.74 24.65 14.04
C GLY A 350 15.22 25.26 12.77
N LEU A 351 15.27 26.60 12.70
CA LEU A 351 14.73 27.35 11.58
C LEU A 351 15.56 27.85 10.42
N GLY A 352 16.19 28.93 10.52
CA GLY A 352 16.71 29.25 9.20
C GLY A 352 15.94 30.37 8.46
N ALA A 353 16.36 30.66 7.26
CA ALA A 353 15.72 31.82 6.65
C ALA A 353 14.21 31.76 6.55
N PRO A 354 13.59 32.85 6.92
CA PRO A 354 14.24 34.04 7.38
C PRO A 354 14.07 34.09 8.89
N TYR A 355 13.81 32.96 9.49
CA TYR A 355 13.60 32.98 10.91
C TYR A 355 14.89 32.93 11.64
N TRP A 356 15.66 31.94 11.31
CA TRP A 356 16.91 31.80 12.00
C TRP A 356 16.75 31.52 13.49
N ASP A 357 16.01 30.46 13.82
CA ASP A 357 15.85 30.01 15.20
C ASP A 357 16.48 28.63 15.29
N PRO A 358 17.21 28.40 16.36
CA PRO A 358 17.92 27.17 16.50
C PRO A 358 17.39 26.48 17.67
N TYR A 359 16.28 27.01 18.10
CA TYR A 359 15.63 26.47 19.26
C TYR A 359 14.28 26.02 18.84
N ALA A 360 14.02 26.34 17.63
CA ALA A 360 12.83 25.92 17.02
C ALA A 360 13.00 24.44 16.79
N ARG A 361 11.91 23.72 16.76
CA ARG A 361 11.97 22.29 16.54
C ARG A 361 10.67 21.76 16.00
N GLY A 362 10.84 20.84 15.08
CA GLY A 362 9.73 20.17 14.42
C GLY A 362 8.44 20.00 15.25
N ALA A 363 7.36 20.40 14.59
CA ALA A 363 6.07 20.33 15.17
C ALA A 363 4.96 20.07 14.16
N ILE A 364 3.91 19.47 14.67
CA ILE A 364 2.73 19.21 13.87
C ILE A 364 1.55 19.87 14.56
N PHE A 365 0.70 20.55 13.78
CA PHE A 365 -0.41 21.23 14.44
C PHE A 365 -1.83 20.99 13.99
N GLY A 366 -2.67 21.26 15.01
CA GLY A 366 -4.09 21.13 14.88
C GLY A 366 -4.50 19.74 14.45
N LEU A 367 -4.24 18.79 15.35
CA LEU A 367 -4.63 17.42 15.13
C LEU A 367 -6.05 17.18 15.66
N THR A 368 -6.77 16.26 14.99
CA THR A 368 -8.14 15.88 15.29
C THR A 368 -8.31 14.39 15.19
N ARG A 369 -9.33 13.85 15.88
CA ARG A 369 -9.60 12.42 15.85
C ARG A 369 -9.51 11.81 14.47
N GLY A 370 -9.88 12.53 13.43
CA GLY A 370 -9.87 11.96 12.09
C GLY A 370 -8.67 12.26 11.18
N VAL A 371 -7.70 12.94 11.68
CA VAL A 371 -6.57 13.19 10.85
C VAL A 371 -5.88 11.87 10.72
N ASN A 372 -5.43 11.58 9.53
CA ASN A 372 -4.67 10.38 9.28
C ASN A 372 -3.37 10.69 8.56
N ALA A 373 -2.55 9.66 8.50
CA ALA A 373 -1.32 9.70 7.76
C ALA A 373 -1.32 10.63 6.51
N ASN A 374 -2.20 10.34 5.57
CA ASN A 374 -2.21 11.12 4.36
C ASN A 374 -2.25 12.58 4.60
N HIS A 375 -3.14 12.95 5.51
CA HIS A 375 -3.19 14.33 5.88
C HIS A 375 -1.78 14.84 6.18
N ILE A 376 -1.18 14.18 7.19
CA ILE A 376 0.18 14.45 7.60
C ILE A 376 1.12 14.48 6.40
N ILE A 377 1.21 13.36 5.69
CA ILE A 377 2.10 13.36 4.56
C ILE A 377 2.03 14.66 3.77
N ARG A 378 0.81 14.96 3.34
CA ARG A 378 0.52 16.16 2.56
C ARG A 378 0.99 17.39 3.31
N ALA A 379 0.52 17.46 4.54
CA ALA A 379 0.94 18.54 5.39
C ALA A 379 2.42 18.83 5.24
N THR A 380 3.18 17.75 5.38
CA THR A 380 4.62 17.77 5.32
C THR A 380 5.03 18.34 4.02
N LEU A 381 4.54 17.68 2.98
CA LEU A 381 4.84 18.18 1.69
C LEU A 381 4.53 19.66 1.59
N GLU A 382 3.36 20.10 2.03
CA GLU A 382 3.12 21.54 1.90
C GLU A 382 4.12 22.45 2.64
N SER A 383 4.61 22.04 3.81
CA SER A 383 5.51 22.88 4.56
C SER A 383 6.55 23.52 3.62
N ILE A 384 7.05 22.67 2.75
CA ILE A 384 8.06 23.02 1.81
C ILE A 384 7.72 24.29 1.10
N ALA A 385 6.57 24.25 0.41
CA ALA A 385 6.05 25.38 -0.34
C ALA A 385 5.90 26.59 0.56
N TYR A 386 5.31 26.38 1.70
CA TYR A 386 5.17 27.51 2.60
C TYR A 386 6.46 28.23 2.77
N GLN A 387 7.38 27.50 3.36
CA GLN A 387 8.70 28.04 3.53
C GLN A 387 9.09 28.81 2.28
N THR A 388 9.11 28.10 1.17
CA THR A 388 9.47 28.71 -0.09
C THR A 388 8.92 30.12 -0.23
N ARG A 389 7.61 30.23 -0.06
CA ARG A 389 6.92 31.52 -0.07
C ARG A 389 7.69 32.49 0.84
N ASP A 390 7.84 32.04 2.07
CA ASP A 390 8.53 32.86 3.02
C ASP A 390 9.70 33.57 2.41
N VAL A 391 10.61 32.79 1.89
CA VAL A 391 11.81 33.38 1.38
C VAL A 391 11.56 34.11 0.10
N LEU A 392 10.83 33.45 -0.76
CA LEU A 392 10.57 34.14 -1.99
C LEU A 392 10.17 35.60 -1.73
N GLU A 393 9.28 35.76 -0.75
CA GLU A 393 8.75 37.06 -0.41
C GLU A 393 9.84 38.01 0.05
N ALA A 394 10.41 37.72 1.19
CA ALA A 394 11.54 38.53 1.58
C ALA A 394 12.49 38.85 0.41
N MET A 395 12.64 37.90 -0.53
CA MET A 395 13.58 38.16 -1.60
C MET A 395 13.22 39.39 -2.32
N GLN A 396 11.96 39.49 -2.79
CA GLN A 396 11.63 40.74 -3.52
C GLN A 396 11.86 41.83 -2.61
N ALA A 397 11.23 41.71 -1.48
CA ALA A 397 11.46 42.72 -0.50
C ALA A 397 12.92 43.19 -0.58
N ASP A 398 13.85 42.27 -0.40
CA ASP A 398 15.24 42.64 -0.51
C ASP A 398 15.60 43.05 -1.93
N SER A 399 15.32 42.16 -2.88
CA SER A 399 15.64 42.30 -4.28
C SER A 399 14.98 43.45 -4.96
N GLY A 400 13.83 43.79 -4.48
CA GLY A 400 13.20 44.83 -5.18
C GLY A 400 12.62 44.21 -6.44
N ILE A 401 12.60 42.89 -6.54
CA ILE A 401 12.07 42.32 -7.77
C ILE A 401 11.07 41.23 -7.59
N ARG A 402 9.99 41.39 -8.36
CA ARG A 402 8.91 40.41 -8.38
C ARG A 402 9.31 39.40 -9.40
N LEU A 403 9.16 38.14 -9.04
CA LEU A 403 9.50 37.11 -9.95
C LEU A 403 8.27 36.79 -10.75
N HIS A 404 8.41 36.71 -12.06
CA HIS A 404 7.26 36.41 -12.89
C HIS A 404 6.82 34.97 -12.76
N ALA A 405 7.85 34.14 -12.63
CA ALA A 405 7.77 32.72 -12.45
C ALA A 405 8.94 32.22 -11.63
N LEU A 406 8.70 31.08 -10.97
CA LEU A 406 9.72 30.45 -10.16
C LEU A 406 10.47 29.37 -10.89
N ARG A 407 11.79 29.52 -10.96
CA ARG A 407 12.62 28.46 -11.57
C ARG A 407 12.99 27.39 -10.57
N VAL A 408 12.80 26.14 -10.92
CA VAL A 408 13.13 25.16 -9.90
C VAL A 408 13.96 23.99 -10.32
N ASP A 409 14.28 23.24 -9.28
CA ASP A 409 15.06 22.07 -9.46
C ASP A 409 15.24 21.36 -8.15
N GLY A 410 15.69 20.13 -8.33
CA GLY A 410 15.89 19.16 -7.28
C GLY A 410 14.81 18.12 -7.44
N GLY A 411 15.08 16.90 -7.00
CA GLY A 411 14.06 15.83 -7.09
C GLY A 411 12.64 16.33 -6.75
N ALA A 412 12.41 16.70 -5.52
CA ALA A 412 11.09 17.21 -5.17
C ALA A 412 10.33 17.85 -6.32
N VAL A 413 11.02 18.56 -7.19
CA VAL A 413 10.28 19.19 -8.24
C VAL A 413 9.55 18.19 -9.14
N ALA A 414 9.93 16.96 -9.04
CA ALA A 414 9.26 15.94 -9.83
C ALA A 414 7.85 15.71 -9.31
N ASN A 415 7.68 16.06 -8.02
CA ASN A 415 6.44 15.99 -7.31
C ASN A 415 5.45 17.03 -7.80
N ASN A 416 4.66 16.58 -8.75
CA ASN A 416 3.68 17.42 -9.41
C ASN A 416 2.79 18.16 -8.44
N PHE A 417 2.49 17.46 -7.36
CA PHE A 417 1.64 18.01 -6.37
C PHE A 417 2.26 19.25 -5.73
N LEU A 418 3.40 19.00 -5.17
CA LEU A 418 4.19 20.01 -4.56
C LEU A 418 4.27 21.25 -5.45
N MET A 419 4.55 20.93 -6.72
CA MET A 419 4.72 21.95 -7.72
C MET A 419 3.49 22.79 -7.81
N GLN A 420 2.41 22.11 -8.09
CA GLN A 420 1.18 22.82 -8.19
C GLN A 420 0.98 23.68 -6.99
N PHE A 421 0.87 23.00 -5.89
CA PHE A 421 0.67 23.70 -4.66
C PHE A 421 1.52 24.96 -4.56
N GLN A 422 2.83 24.72 -4.67
CA GLN A 422 3.83 25.77 -4.65
C GLN A 422 3.31 26.95 -5.47
N SER A 423 3.01 26.64 -6.73
CA SER A 423 2.43 27.61 -7.63
C SER A 423 1.23 28.31 -7.00
N ASP A 424 0.25 27.53 -6.59
CA ASP A 424 -0.97 28.09 -6.01
C ASP A 424 -0.68 29.00 -4.91
N ILE A 425 -0.05 28.39 -3.96
CA ILE A 425 0.26 29.05 -2.75
C ILE A 425 1.09 30.25 -2.97
N LEU A 426 1.68 30.30 -4.11
CA LEU A 426 2.46 31.48 -4.34
C LEU A 426 1.61 32.38 -5.17
N GLY A 427 0.85 31.76 -6.02
CA GLY A 427 0.10 32.52 -6.96
C GLY A 427 1.08 32.96 -8.05
N THR A 428 1.91 32.00 -8.45
CA THR A 428 2.94 32.24 -9.44
C THR A 428 3.24 31.02 -10.29
N ARG A 429 3.63 31.36 -11.50
CA ARG A 429 3.99 30.41 -12.48
C ARG A 429 5.27 29.73 -12.02
N VAL A 430 5.23 28.43 -12.02
CA VAL A 430 6.39 27.70 -11.63
C VAL A 430 6.88 26.94 -12.82
N GLU A 431 8.17 27.12 -13.11
CA GLU A 431 8.71 26.45 -14.28
C GLU A 431 9.71 25.38 -14.03
N ARG A 432 9.23 24.18 -14.36
CA ARG A 432 9.96 22.97 -14.20
C ARG A 432 10.59 22.52 -15.46
N PRO A 433 11.91 22.65 -15.42
CA PRO A 433 12.82 22.28 -16.47
C PRO A 433 13.01 20.78 -16.58
N GLU A 434 13.59 20.43 -17.73
CA GLU A 434 14.01 19.10 -18.23
C GLU A 434 14.67 18.20 -17.18
N VAL A 435 16.00 18.43 -17.02
CA VAL A 435 16.86 17.73 -16.10
C VAL A 435 16.88 18.43 -14.76
N ARG A 436 16.22 17.82 -13.79
CA ARG A 436 16.12 18.36 -12.44
C ARG A 436 17.46 18.54 -11.70
N GLU A 437 18.53 18.05 -12.29
CA GLU A 437 19.82 18.12 -11.62
C GLU A 437 20.95 18.91 -12.30
N VAL A 438 20.74 20.19 -12.22
CA VAL A 438 21.62 21.19 -12.76
C VAL A 438 22.82 21.30 -11.88
N THR A 439 22.55 21.20 -10.62
CA THR A 439 23.58 21.33 -9.68
C THR A 439 24.87 20.75 -10.28
N ALA A 440 24.81 19.54 -10.84
CA ALA A 440 25.99 18.94 -11.42
C ALA A 440 26.45 19.65 -12.70
N LEU A 441 25.48 19.98 -13.56
CA LEU A 441 25.82 20.72 -14.76
C LEU A 441 26.68 21.86 -14.38
N GLY A 442 26.16 22.61 -13.40
CA GLY A 442 26.88 23.72 -12.82
C GLY A 442 28.38 23.40 -12.79
N ALA A 443 28.76 22.50 -11.84
CA ALA A 443 30.15 22.04 -11.71
C ALA A 443 30.82 21.64 -13.01
N ALA A 444 30.08 20.92 -13.90
CA ALA A 444 30.59 20.54 -15.22
C ALA A 444 31.03 21.81 -15.92
N TYR A 445 30.00 22.56 -16.26
CA TYR A 445 30.19 23.83 -16.87
C TYR A 445 31.40 24.51 -16.32
N LEU A 446 31.52 24.57 -15.03
CA LEU A 446 32.67 25.24 -14.51
C LEU A 446 33.93 24.63 -14.97
N ALA A 447 34.27 23.50 -14.39
CA ALA A 447 35.46 22.79 -14.77
C ALA A 447 35.56 22.67 -16.28
N GLY A 448 34.43 22.37 -16.94
CA GLY A 448 34.49 22.26 -18.39
C GLY A 448 35.02 23.55 -19.03
N LEU A 449 34.44 24.67 -18.64
CA LEU A 449 34.83 26.00 -19.08
C LEU A 449 36.28 26.21 -18.81
N ALA A 450 36.62 25.95 -17.56
CA ALA A 450 37.96 26.15 -17.06
C ALA A 450 39.00 25.49 -17.91
N VAL A 451 38.57 24.65 -18.82
CA VAL A 451 39.54 23.91 -19.57
C VAL A 451 39.21 23.88 -21.06
N GLY A 452 38.48 24.91 -21.45
CA GLY A 452 38.12 25.07 -22.82
C GLY A 452 37.26 23.95 -23.37
N PHE A 453 36.80 23.04 -22.53
CA PHE A 453 35.93 22.00 -23.05
C PHE A 453 34.83 22.68 -23.85
N TRP A 454 34.42 23.81 -23.26
CA TRP A 454 33.45 24.77 -23.77
C TRP A 454 34.03 26.18 -23.66
N GLN A 455 33.48 27.03 -24.51
CA GLN A 455 33.90 28.42 -24.54
C GLN A 455 33.04 29.28 -23.66
N ASN A 456 31.73 28.95 -23.64
CA ASN A 456 30.74 29.64 -22.83
C ASN A 456 29.37 29.05 -22.95
N LEU A 457 28.59 29.51 -22.03
CA LEU A 457 27.27 29.02 -21.82
C LEU A 457 26.37 29.20 -22.97
N ASP A 458 26.87 29.96 -23.89
CA ASP A 458 26.08 30.28 -25.04
C ASP A 458 25.65 29.04 -25.73
N GLU A 459 26.63 28.25 -26.05
CA GLU A 459 26.36 26.98 -26.66
C GLU A 459 25.29 26.23 -25.86
N LEU A 460 25.29 26.44 -24.56
CA LEU A 460 24.42 25.71 -23.67
C LEU A 460 23.12 26.39 -23.47
N GLN A 461 22.86 27.30 -24.35
CA GLN A 461 21.64 28.03 -24.24
C GLN A 461 20.50 27.08 -24.49
N GLU A 462 20.62 26.52 -25.68
CA GLU A 462 19.65 25.60 -26.20
C GLU A 462 19.36 24.45 -25.27
N LYS A 463 20.19 24.33 -24.22
CA LYS A 463 20.17 23.23 -23.23
C LYS A 463 18.92 22.95 -22.37
N ALA A 464 18.35 24.02 -21.76
CA ALA A 464 17.17 23.90 -20.89
C ALA A 464 15.73 23.79 -21.49
N VAL A 465 15.07 22.76 -20.98
CA VAL A 465 13.72 22.37 -21.36
C VAL A 465 12.71 22.65 -20.24
N ILE A 466 11.81 23.61 -20.44
CA ILE A 466 10.79 23.79 -19.44
C ILE A 466 9.82 22.65 -19.67
N GLU A 467 9.96 21.58 -18.91
CA GLU A 467 9.11 20.42 -19.11
C GLU A 467 7.66 20.66 -18.67
N ARG A 468 7.51 21.45 -17.66
CA ARG A 468 6.19 21.68 -17.17
C ARG A 468 6.04 23.09 -16.67
N GLU A 469 4.81 23.55 -16.69
CA GLU A 469 4.63 24.85 -16.16
C GLU A 469 3.47 24.91 -15.19
N PHE A 470 3.72 25.43 -14.00
CA PHE A 470 2.62 25.40 -13.09
C PHE A 470 1.97 26.74 -12.82
N ARG A 471 0.71 26.80 -13.12
CA ARG A 471 0.04 28.04 -12.83
C ARG A 471 -0.95 27.83 -11.73
N PRO A 472 -1.08 28.89 -10.95
CA PRO A 472 -1.91 28.87 -9.78
C PRO A 472 -3.33 28.46 -10.12
N GLY A 473 -4.08 27.99 -9.09
CA GLY A 473 -5.46 27.50 -9.22
C GLY A 473 -6.36 27.83 -7.99
N ILE A 474 -5.72 28.50 -7.04
CA ILE A 474 -6.37 28.98 -5.84
C ILE A 474 -6.30 30.49 -5.82
N GLU A 475 -7.40 31.09 -5.36
CA GLU A 475 -7.51 32.52 -5.31
C GLU A 475 -6.94 33.12 -4.04
N THR A 476 -6.48 34.34 -4.19
CA THR A 476 -5.85 35.14 -3.17
C THR A 476 -6.26 34.84 -1.76
N THR A 477 -7.50 35.14 -1.53
CA THR A 477 -8.10 34.90 -0.23
C THR A 477 -7.59 33.63 0.38
N GLU A 478 -7.83 32.53 -0.36
CA GLU A 478 -7.41 31.21 0.03
C GLU A 478 -5.93 31.27 0.37
N ARG A 479 -5.17 31.51 -0.70
CA ARG A 479 -3.74 31.66 -0.61
C ARG A 479 -3.36 32.29 0.73
N ASN A 480 -3.89 33.48 0.95
CA ASN A 480 -3.57 34.16 2.17
C ASN A 480 -3.98 33.45 3.43
N TYR A 481 -5.19 32.93 3.42
CA TYR A 481 -5.71 32.19 4.56
C TYR A 481 -4.69 31.16 5.02
N ARG A 482 -4.49 30.24 4.10
CA ARG A 482 -3.59 29.15 4.30
C ARG A 482 -2.25 29.58 4.81
N TYR A 483 -1.68 30.52 4.11
CA TYR A 483 -0.39 30.99 4.51
C TYR A 483 -0.40 31.36 5.99
N ALA A 484 -1.50 31.98 6.36
CA ALA A 484 -1.65 32.41 7.71
C ALA A 484 -1.51 31.28 8.72
N GLY A 485 -2.14 30.17 8.43
CA GLY A 485 -2.07 29.13 9.38
C GLY A 485 -0.67 28.72 9.48
N TRP A 486 -0.10 28.72 8.30
CA TRP A 486 1.26 28.29 8.20
C TRP A 486 2.03 29.03 9.24
N LYS A 487 1.79 30.31 9.13
CA LYS A 487 2.41 31.29 9.97
C LYS A 487 2.12 31.03 11.45
N LYS A 488 0.85 30.88 11.71
CA LYS A 488 0.38 30.60 13.03
C LYS A 488 1.18 29.50 13.64
N ALA A 489 1.32 28.47 12.81
CA ALA A 489 2.00 27.25 13.13
C ALA A 489 3.44 27.54 13.52
N VAL A 490 4.09 28.15 12.56
CA VAL A 490 5.49 28.46 12.69
C VAL A 490 5.93 28.91 14.08
N LYS A 491 5.24 29.92 14.60
CA LYS A 491 5.63 30.49 15.88
C LYS A 491 5.58 29.51 16.99
N ARG A 492 4.54 28.72 16.94
CA ARG A 492 4.38 27.80 18.02
C ARG A 492 5.53 26.85 18.14
N ALA A 493 6.38 26.83 17.13
CA ALA A 493 7.50 25.92 17.16
C ALA A 493 8.78 26.58 17.61
N MET A 494 8.86 27.88 17.47
CA MET A 494 10.11 28.50 17.83
C MET A 494 10.41 28.53 19.30
N ALA A 495 11.67 28.65 19.60
CA ALA A 495 12.08 28.71 20.97
C ALA A 495 11.82 27.44 21.73
N TRP A 496 11.35 26.47 21.03
CA TRP A 496 11.11 25.24 21.66
C TRP A 496 12.30 24.75 22.48
N GLU A 497 13.44 24.66 21.88
CA GLU A 497 14.54 24.07 22.58
C GLU A 497 15.11 24.83 23.75
N GLU A 498 15.45 24.08 24.79
CA GLU A 498 16.09 24.62 25.99
C GLU A 498 17.51 25.05 25.68
N HIS A 499 17.97 26.17 26.25
CA HIS A 499 19.32 26.66 25.94
C HIS A 499 20.41 25.81 26.62
N GLU B 2 -49.32 -3.23 7.73
CA GLU B 2 -48.79 -3.62 9.05
C GLU B 2 -47.60 -4.56 8.95
N LYS B 3 -47.85 -5.82 8.64
CA LYS B 3 -46.68 -6.65 8.47
C LYS B 3 -46.18 -6.28 7.11
N LYS B 4 -45.02 -5.61 7.02
CA LYS B 4 -44.52 -5.21 5.70
C LYS B 4 -43.16 -5.70 5.38
N TYR B 5 -42.66 -6.60 6.21
CA TYR B 5 -41.33 -6.96 5.88
C TYR B 5 -41.02 -8.38 6.06
N ILE B 6 -40.29 -8.83 5.04
CA ILE B 6 -39.76 -10.15 5.15
C ILE B 6 -38.36 -10.00 5.69
N VAL B 7 -37.99 -11.00 6.44
CA VAL B 7 -36.68 -11.06 6.99
C VAL B 7 -36.09 -12.39 6.74
N ALA B 8 -34.83 -12.33 6.24
CA ALA B 8 -34.04 -13.51 5.94
C ALA B 8 -32.81 -13.65 6.82
N LEU B 9 -32.62 -14.87 7.31
CA LEU B 9 -31.44 -15.21 8.09
C LEU B 9 -30.51 -16.07 7.24
N ASP B 10 -29.32 -15.54 7.03
CA ASP B 10 -28.34 -16.13 6.20
C ASP B 10 -27.16 -16.55 7.05
N GLN B 11 -27.16 -17.81 7.39
CA GLN B 11 -26.14 -18.30 8.24
C GLN B 11 -24.99 -18.78 7.44
N GLY B 12 -24.06 -17.88 7.32
CA GLY B 12 -22.87 -18.11 6.53
C GLY B 12 -21.90 -19.10 7.13
N THR B 13 -20.87 -19.42 6.34
CA THR B 13 -19.85 -20.34 6.79
C THR B 13 -18.89 -19.57 7.63
N THR B 14 -18.87 -18.24 7.46
CA THR B 14 -17.92 -17.46 8.22
C THR B 14 -18.55 -16.30 8.93
N SER B 15 -19.81 -16.07 8.63
CA SER B 15 -20.53 -14.99 9.26
C SER B 15 -22.00 -15.09 8.97
N SER B 16 -22.74 -14.84 10.04
CA SER B 16 -24.16 -14.79 10.01
C SER B 16 -24.69 -13.43 9.53
N ARG B 17 -25.74 -13.47 8.69
CA ARG B 17 -26.36 -12.24 8.28
C ARG B 17 -27.84 -12.22 8.35
N ALA B 18 -28.32 -10.99 8.29
CA ALA B 18 -29.72 -10.76 8.44
C ALA B 18 -30.16 -9.75 7.42
N VAL B 19 -31.31 -9.98 6.85
CA VAL B 19 -31.71 -9.01 5.88
C VAL B 19 -33.15 -8.58 5.96
N VAL B 20 -33.34 -7.30 5.70
CA VAL B 20 -34.65 -6.72 5.70
C VAL B 20 -35.08 -6.33 4.33
N MET B 21 -36.22 -6.86 3.98
CA MET B 21 -36.78 -6.62 2.71
C MET B 21 -38.14 -6.05 2.81
N ASP B 22 -38.40 -5.14 1.89
CA ASP B 22 -39.71 -4.55 1.76
C ASP B 22 -40.55 -5.33 0.75
N HIS B 23 -41.86 -5.07 0.72
CA HIS B 23 -42.71 -5.77 -0.22
C HIS B 23 -42.17 -5.63 -1.61
N ASP B 24 -41.58 -4.49 -1.91
CA ASP B 24 -41.00 -4.30 -3.23
C ASP B 24 -39.72 -5.06 -3.39
N ALA B 25 -39.46 -5.92 -2.41
CA ALA B 25 -38.31 -6.79 -2.43
C ALA B 25 -37.04 -6.01 -2.34
N ASN B 26 -37.14 -4.91 -1.64
CA ASN B 26 -35.99 -4.10 -1.50
C ASN B 26 -35.29 -4.42 -0.24
N ILE B 27 -33.98 -4.30 -0.32
CA ILE B 27 -33.26 -4.51 0.90
C ILE B 27 -33.31 -3.28 1.76
N ILE B 28 -33.97 -3.44 2.87
CA ILE B 28 -34.12 -2.34 3.74
C ILE B 28 -32.89 -2.16 4.59
N SER B 29 -32.47 -3.25 5.23
CA SER B 29 -31.29 -3.20 6.03
C SER B 29 -30.63 -4.57 6.11
N VAL B 30 -29.38 -4.52 6.57
CA VAL B 30 -28.56 -5.69 6.67
C VAL B 30 -27.58 -5.64 7.78
N SER B 31 -27.29 -6.81 8.33
CA SER B 31 -26.34 -7.00 9.39
C SER B 31 -25.63 -8.31 9.21
N GLN B 32 -24.37 -8.24 9.62
CA GLN B 32 -23.42 -9.33 9.57
C GLN B 32 -22.68 -9.44 10.85
N ARG B 33 -22.18 -10.64 11.13
CA ARG B 33 -21.44 -10.89 12.35
C ARG B 33 -20.56 -12.10 12.16
N GLU B 34 -19.26 -11.87 12.13
CA GLU B 34 -18.40 -12.98 11.87
C GLU B 34 -18.29 -13.89 13.04
N PHE B 35 -17.72 -15.05 12.77
CA PHE B 35 -17.48 -16.05 13.76
C PHE B 35 -16.32 -16.91 13.37
N GLU B 36 -15.85 -17.60 14.37
CA GLU B 36 -14.58 -18.32 14.36
C GLU B 36 -14.45 -19.60 13.62
N GLN B 37 -13.47 -19.66 12.78
CA GLN B 37 -13.23 -20.90 12.08
C GLN B 37 -12.23 -21.73 12.86
N ILE B 38 -12.73 -22.70 13.58
CA ILE B 38 -11.80 -23.51 14.34
C ILE B 38 -11.09 -24.55 13.51
N TYR B 39 -9.78 -24.60 13.68
CA TYR B 39 -9.10 -25.65 13.00
C TYR B 39 -8.20 -26.48 13.89
N PRO B 40 -8.86 -27.36 14.68
CA PRO B 40 -8.30 -28.32 15.64
C PRO B 40 -7.05 -28.95 15.12
N LYS B 41 -7.02 -29.05 13.82
CA LYS B 41 -5.90 -29.58 13.11
C LYS B 41 -6.25 -29.48 11.68
N PRO B 42 -5.21 -29.44 10.90
CA PRO B 42 -5.24 -29.26 9.46
C PRO B 42 -6.13 -30.21 8.71
N GLY B 43 -7.11 -29.65 8.03
CA GLY B 43 -8.01 -30.47 7.27
C GLY B 43 -9.28 -30.53 8.04
N TRP B 44 -9.20 -29.99 9.26
CA TRP B 44 -10.36 -29.94 10.08
C TRP B 44 -10.81 -28.53 10.20
N VAL B 45 -12.12 -28.43 10.28
CA VAL B 45 -12.78 -27.16 10.34
C VAL B 45 -13.98 -27.24 11.23
N GLU B 46 -13.96 -26.46 12.30
CA GLU B 46 -15.10 -26.51 13.18
C GLU B 46 -15.77 -25.17 13.36
N HIS B 47 -16.91 -25.20 14.04
CA HIS B 47 -17.69 -24.04 14.36
C HIS B 47 -18.33 -24.21 15.73
N ASP B 48 -18.50 -23.09 16.46
CA ASP B 48 -19.20 -23.23 17.72
C ASP B 48 -20.67 -23.04 17.52
N PRO B 49 -21.41 -24.14 17.59
CA PRO B 49 -22.82 -24.04 17.44
C PRO B 49 -23.35 -22.81 18.13
N MET B 50 -22.78 -22.57 19.27
CA MET B 50 -23.22 -21.48 20.07
C MET B 50 -22.87 -20.15 19.49
N GLU B 51 -21.69 -20.15 18.93
CA GLU B 51 -21.27 -18.96 18.29
C GLU B 51 -22.16 -18.78 17.06
N ILE B 52 -22.38 -19.88 16.33
CA ILE B 52 -23.26 -19.78 15.19
C ILE B 52 -24.59 -19.19 15.63
N TRP B 53 -25.08 -19.71 16.70
CA TRP B 53 -26.35 -19.26 17.11
C TRP B 53 -26.38 -17.79 17.54
N ALA B 54 -25.48 -17.53 18.48
CA ALA B 54 -25.43 -16.23 19.09
C ALA B 54 -25.31 -15.13 18.05
N THR B 55 -24.44 -15.36 17.07
CA THR B 55 -24.21 -14.42 16.01
C THR B 55 -25.45 -14.25 15.19
N GLN B 56 -26.08 -15.40 14.88
CA GLN B 56 -27.28 -15.36 14.06
C GLN B 56 -28.42 -14.62 14.70
N SER B 57 -28.53 -14.83 15.99
CA SER B 57 -29.60 -14.15 16.69
C SER B 57 -29.44 -12.62 16.73
N SER B 58 -28.34 -12.21 17.34
CA SER B 58 -28.04 -10.81 17.48
C SER B 58 -28.20 -10.05 16.18
N THR B 59 -27.82 -10.70 15.09
CA THR B 59 -27.95 -10.00 13.82
C THR B 59 -29.39 -9.75 13.52
N LEU B 60 -30.17 -10.80 13.76
CA LEU B 60 -31.59 -10.65 13.54
C LEU B 60 -32.06 -9.43 14.27
N VAL B 61 -31.76 -9.42 15.55
CA VAL B 61 -32.08 -8.25 16.36
C VAL B 61 -31.49 -6.94 15.78
N GLU B 62 -30.19 -6.94 15.56
CA GLU B 62 -29.48 -5.78 15.06
C GLU B 62 -30.14 -5.14 13.84
N VAL B 63 -30.37 -5.99 12.87
CA VAL B 63 -30.89 -5.52 11.62
C VAL B 63 -32.21 -4.78 11.78
N LEU B 64 -33.02 -5.35 12.65
CA LEU B 64 -34.26 -4.70 12.84
C LEU B 64 -34.04 -3.38 13.52
N ALA B 65 -33.25 -3.41 14.57
CA ALA B 65 -33.04 -2.23 15.38
C ALA B 65 -32.70 -0.96 14.65
N LYS B 66 -31.64 -1.05 13.88
CA LYS B 66 -31.17 0.11 13.17
C LYS B 66 -32.22 0.60 12.20
N ALA B 67 -32.79 -0.37 11.56
CA ALA B 67 -33.80 -0.08 10.61
C ALA B 67 -35.05 0.49 11.31
N ASP B 68 -35.03 0.49 12.64
CA ASP B 68 -36.17 0.92 13.39
C ASP B 68 -37.42 0.12 13.03
N ILE B 69 -37.35 -1.21 13.11
CA ILE B 69 -38.50 -2.04 12.79
C ILE B 69 -38.83 -2.97 13.94
N SER B 70 -40.14 -3.18 14.16
CA SER B 70 -40.65 -4.02 15.26
C SER B 70 -41.20 -5.35 14.82
N SER B 71 -41.01 -6.32 15.73
CA SER B 71 -41.48 -7.69 15.57
C SER B 71 -42.77 -7.76 14.74
N ASP B 72 -43.73 -7.00 15.23
CA ASP B 72 -45.02 -6.84 14.66
C ASP B 72 -45.02 -6.13 13.31
N GLN B 73 -44.01 -6.34 12.48
CA GLN B 73 -44.06 -5.78 11.14
C GLN B 73 -43.34 -6.72 10.22
N ILE B 74 -42.72 -7.70 10.88
CA ILE B 74 -42.10 -8.75 10.15
C ILE B 74 -43.17 -9.72 9.74
N ALA B 75 -43.48 -9.62 8.44
CA ALA B 75 -44.44 -10.50 7.87
C ALA B 75 -44.05 -11.95 8.16
N ALA B 76 -42.75 -12.30 8.00
CA ALA B 76 -42.26 -13.65 8.29
C ALA B 76 -40.77 -13.73 8.09
N ILE B 77 -40.24 -14.89 8.44
CA ILE B 77 -38.82 -15.11 8.33
C ILE B 77 -38.45 -16.39 7.62
N GLY B 78 -37.49 -16.19 6.73
CA GLY B 78 -36.94 -17.25 5.95
C GLY B 78 -35.53 -17.56 6.42
N ILE B 79 -35.19 -18.84 6.45
CA ILE B 79 -33.90 -19.29 6.91
C ILE B 79 -33.11 -19.90 5.78
N THR B 80 -31.84 -19.44 5.62
CA THR B 80 -30.90 -20.04 4.68
C THR B 80 -29.54 -20.29 5.34
N ASN B 81 -28.86 -21.33 4.90
CA ASN B 81 -27.63 -21.63 5.60
C ASN B 81 -26.64 -22.47 4.83
N GLN B 82 -25.46 -22.62 5.47
CA GLN B 82 -24.39 -23.43 4.99
C GLN B 82 -24.81 -24.85 5.04
N ARG B 83 -24.71 -25.46 3.91
CA ARG B 83 -25.14 -26.82 3.88
C ARG B 83 -24.08 -27.77 4.50
N GLU B 84 -24.51 -29.04 4.60
CA GLU B 84 -23.73 -30.19 5.15
C GLU B 84 -23.22 -29.99 6.58
N THR B 85 -22.67 -28.82 6.88
CA THR B 85 -22.16 -28.56 8.24
C THR B 85 -23.15 -29.12 9.22
N THR B 86 -22.64 -30.08 10.05
CA THR B 86 -23.35 -30.91 11.02
C THR B 86 -23.25 -30.59 12.52
N ILE B 87 -24.40 -30.69 13.24
CA ILE B 87 -24.47 -30.47 14.71
C ILE B 87 -25.28 -31.50 15.47
N VAL B 88 -24.81 -31.80 16.68
CA VAL B 88 -25.53 -32.74 17.52
C VAL B 88 -25.67 -32.25 18.95
N TRP B 89 -26.88 -32.22 19.43
CA TRP B 89 -26.99 -31.77 20.77
C TRP B 89 -27.95 -32.56 21.61
N GLU B 90 -27.90 -32.23 22.89
CA GLU B 90 -28.76 -32.78 23.89
C GLU B 90 -30.11 -32.14 23.77
N LYS B 91 -31.12 -32.96 23.52
CA LYS B 91 -32.47 -32.45 23.37
C LYS B 91 -32.92 -31.79 24.66
N GLU B 92 -32.58 -32.46 25.75
CA GLU B 92 -32.97 -31.96 27.05
C GLU B 92 -32.50 -30.56 27.28
N THR B 93 -31.19 -30.40 27.29
CA THR B 93 -30.47 -29.16 27.50
C THR B 93 -30.28 -28.28 26.27
N GLY B 94 -30.21 -28.90 25.09
CA GLY B 94 -29.94 -28.12 23.89
C GLY B 94 -28.46 -27.69 23.89
N LYS B 95 -27.65 -28.57 24.46
CA LYS B 95 -26.25 -28.34 24.53
C LYS B 95 -25.68 -29.25 23.49
N PRO B 96 -24.75 -28.73 22.74
CA PRO B 96 -24.21 -29.52 21.69
C PRO B 96 -23.29 -30.48 22.31
N ILE B 97 -23.10 -31.58 21.71
CA ILE B 97 -22.21 -32.47 22.37
C ILE B 97 -20.91 -32.54 21.64
N TYR B 98 -20.82 -31.66 20.64
CA TYR B 98 -19.65 -31.51 19.81
C TYR B 98 -19.81 -30.39 18.81
N ASN B 99 -18.69 -29.68 18.68
CA ASN B 99 -18.60 -28.58 17.76
C ASN B 99 -19.28 -28.90 16.49
N ALA B 100 -19.71 -27.86 15.79
CA ALA B 100 -20.34 -28.11 14.52
C ALA B 100 -19.27 -28.55 13.59
N ILE B 101 -19.49 -29.69 12.95
CA ILE B 101 -18.51 -30.12 11.99
C ILE B 101 -18.81 -29.53 10.60
N VAL B 102 -18.00 -28.56 10.22
CA VAL B 102 -18.24 -27.90 8.95
C VAL B 102 -18.18 -28.80 7.73
N TRP B 103 -19.05 -28.47 6.75
CA TRP B 103 -19.04 -29.15 5.49
C TRP B 103 -17.62 -29.41 5.01
N GLN B 104 -16.73 -28.40 5.10
CA GLN B 104 -15.35 -28.60 4.63
C GLN B 104 -14.53 -29.69 5.28
N CYS B 105 -14.70 -29.84 6.56
CA CYS B 105 -13.92 -30.81 7.31
C CYS B 105 -13.63 -32.15 6.64
N ARG B 106 -12.39 -32.37 6.30
CA ARG B 106 -11.97 -33.63 5.74
C ARG B 106 -11.84 -34.75 6.81
N ARG B 107 -12.33 -34.58 8.02
CA ARG B 107 -12.14 -35.69 8.94
C ARG B 107 -12.78 -37.08 8.58
N THR B 108 -14.08 -37.16 8.19
CA THR B 108 -14.71 -38.45 7.83
C THR B 108 -14.14 -39.21 6.63
N ALA B 109 -12.98 -38.84 6.14
CA ALA B 109 -12.41 -39.53 5.00
C ALA B 109 -12.26 -41.04 5.11
N GLU B 110 -11.82 -41.50 6.27
CA GLU B 110 -11.67 -42.94 6.34
C GLU B 110 -13.00 -43.63 6.24
N ILE B 111 -13.91 -43.13 7.03
CA ILE B 111 -15.19 -43.70 6.97
C ILE B 111 -15.58 -43.72 5.54
N CYS B 112 -15.41 -42.55 4.91
CA CYS B 112 -15.71 -42.46 3.51
C CYS B 112 -14.98 -43.55 2.75
N GLU B 113 -13.77 -43.83 3.18
CA GLU B 113 -12.97 -44.86 2.56
C GLU B 113 -13.63 -46.22 2.61
N HIS B 114 -14.29 -46.50 3.71
CA HIS B 114 -14.96 -47.76 3.84
C HIS B 114 -16.11 -47.78 2.89
N LEU B 115 -17.03 -46.90 3.14
CA LEU B 115 -18.16 -46.82 2.26
C LEU B 115 -17.76 -47.20 0.87
N LYS B 116 -16.67 -46.61 0.41
CA LYS B 116 -16.19 -46.91 -0.91
C LYS B 116 -16.10 -48.39 -1.09
N ARG B 117 -15.20 -48.95 -0.27
CA ARG B 117 -14.86 -50.35 -0.19
C ARG B 117 -16.05 -51.28 -0.08
N ASP B 118 -17.06 -50.91 0.68
CA ASP B 118 -18.18 -51.81 0.69
C ASP B 118 -19.07 -51.53 -0.51
N GLY B 119 -18.49 -50.76 -1.42
CA GLY B 119 -19.06 -50.35 -2.70
C GLY B 119 -20.47 -49.81 -2.70
N LEU B 120 -20.64 -48.65 -2.15
CA LEU B 120 -21.97 -48.11 -2.20
C LEU B 120 -22.05 -46.97 -3.18
N GLU B 121 -20.93 -46.74 -3.87
CA GLU B 121 -20.88 -45.66 -4.80
C GLU B 121 -22.22 -45.30 -5.39
N ASP B 122 -22.65 -46.30 -6.13
CA ASP B 122 -23.87 -46.23 -6.87
C ASP B 122 -25.06 -46.16 -5.94
N TYR B 123 -25.28 -47.17 -5.11
CA TYR B 123 -26.41 -46.99 -4.20
C TYR B 123 -26.56 -45.56 -3.68
N ILE B 124 -25.49 -45.06 -3.01
CA ILE B 124 -25.49 -43.70 -2.47
C ILE B 124 -25.94 -42.79 -3.56
N ARG B 125 -25.05 -42.73 -4.52
CA ARG B 125 -25.33 -41.90 -5.63
C ARG B 125 -26.76 -42.08 -6.15
N SER B 126 -27.21 -43.30 -6.21
CA SER B 126 -28.53 -43.55 -6.76
C SER B 126 -29.68 -43.03 -5.94
N ASN B 127 -29.54 -43.05 -4.64
CA ASN B 127 -30.65 -42.55 -3.87
C ASN B 127 -30.48 -41.15 -3.36
N THR B 128 -29.22 -40.81 -3.06
CA THR B 128 -28.89 -39.51 -2.54
C THR B 128 -28.59 -38.55 -3.63
N GLY B 129 -27.97 -39.09 -4.66
CA GLY B 129 -27.53 -38.23 -5.73
C GLY B 129 -26.12 -37.71 -5.41
N LEU B 130 -25.63 -38.22 -4.28
CA LEU B 130 -24.38 -37.82 -3.73
C LEU B 130 -23.27 -38.72 -4.12
N VAL B 131 -22.11 -38.12 -3.97
CA VAL B 131 -20.84 -38.70 -4.18
C VAL B 131 -20.28 -39.07 -2.81
N ILE B 132 -19.23 -39.86 -2.77
CA ILE B 132 -18.72 -40.21 -1.46
C ILE B 132 -17.70 -39.20 -0.96
N ASP B 133 -18.12 -38.44 0.04
CA ASP B 133 -17.25 -37.45 0.57
C ASP B 133 -17.54 -37.02 2.00
N PRO B 134 -16.40 -36.59 2.55
CA PRO B 134 -16.37 -36.06 3.87
C PRO B 134 -17.21 -34.80 3.82
N TYR B 135 -17.47 -34.31 2.59
CA TYR B 135 -18.33 -33.17 2.38
C TYR B 135 -19.68 -33.35 3.08
N PHE B 136 -20.31 -34.47 2.80
CA PHE B 136 -21.61 -34.68 3.36
C PHE B 136 -21.72 -35.15 4.78
N SER B 137 -22.87 -34.71 5.28
CA SER B 137 -23.38 -34.85 6.62
C SER B 137 -23.26 -36.18 7.31
N GLY B 138 -23.71 -37.25 6.65
CA GLY B 138 -23.70 -38.58 7.28
C GLY B 138 -22.44 -38.88 8.12
N THR B 139 -21.38 -39.23 7.37
CA THR B 139 -20.09 -39.51 7.94
C THR B 139 -19.91 -38.64 9.17
N LYS B 140 -20.09 -37.34 8.98
CA LYS B 140 -19.99 -36.38 10.04
C LYS B 140 -20.70 -36.89 11.31
N VAL B 141 -22.04 -37.01 11.25
CA VAL B 141 -22.85 -37.51 12.38
C VAL B 141 -22.24 -38.71 13.12
N LYS B 142 -22.06 -39.77 12.34
CA LYS B 142 -21.50 -41.00 12.86
C LYS B 142 -20.16 -40.69 13.54
N TRP B 143 -19.29 -39.98 12.84
CA TRP B 143 -18.04 -39.63 13.46
C TRP B 143 -18.29 -39.09 14.86
N ILE B 144 -19.19 -38.18 15.02
CA ILE B 144 -19.40 -37.70 16.35
C ILE B 144 -19.78 -38.82 17.28
N LEU B 145 -20.88 -39.47 16.90
CA LEU B 145 -21.44 -40.60 17.61
C LEU B 145 -20.33 -41.49 18.04
N ASP B 146 -19.68 -42.01 17.03
CA ASP B 146 -18.54 -42.82 17.20
C ASP B 146 -17.59 -42.18 18.21
N HIS B 147 -17.27 -40.90 18.05
CA HIS B 147 -16.33 -40.28 18.96
C HIS B 147 -16.87 -39.94 20.35
N VAL B 148 -18.15 -39.91 20.53
CA VAL B 148 -18.55 -39.63 21.88
C VAL B 148 -19.31 -40.74 22.58
N GLU B 149 -18.65 -41.30 23.59
CA GLU B 149 -19.12 -42.36 24.47
C GLU B 149 -20.50 -42.95 24.27
N GLY B 150 -21.40 -42.51 25.14
CA GLY B 150 -22.75 -43.06 25.22
C GLY B 150 -23.72 -42.69 24.10
N SER B 151 -23.28 -41.69 23.37
CA SER B 151 -23.99 -41.08 22.27
C SER B 151 -25.10 -41.95 21.70
N ARG B 152 -24.67 -42.93 20.91
CA ARG B 152 -25.57 -43.79 20.18
C ARG B 152 -26.77 -44.14 21.01
N GLU B 153 -26.49 -44.76 22.13
CA GLU B 153 -27.57 -45.10 22.96
C GLU B 153 -28.47 -43.90 23.19
N ARG B 154 -27.99 -42.92 23.92
CA ARG B 154 -28.83 -41.77 24.16
C ARG B 154 -29.56 -41.34 22.92
N ALA B 155 -28.88 -41.54 21.78
CA ALA B 155 -29.44 -41.19 20.50
C ALA B 155 -30.65 -42.02 20.27
N ARG B 156 -30.47 -43.35 20.49
CA ARG B 156 -31.56 -44.33 20.42
C ARG B 156 -32.53 -43.99 21.53
N ARG B 157 -32.01 -43.55 22.67
CA ARG B 157 -32.93 -43.15 23.69
C ARG B 157 -33.56 -41.83 23.26
N GLY B 158 -32.99 -41.27 22.18
CA GLY B 158 -33.45 -40.03 21.55
C GLY B 158 -33.35 -38.85 22.46
N GLU B 159 -32.25 -38.77 23.17
CA GLU B 159 -32.06 -37.65 24.05
C GLU B 159 -31.14 -36.70 23.30
N LEU B 160 -30.68 -37.28 22.22
CA LEU B 160 -29.77 -36.69 21.29
C LEU B 160 -30.48 -36.37 20.01
N LEU B 161 -30.08 -35.25 19.47
CA LEU B 161 -30.64 -34.68 18.28
C LEU B 161 -29.64 -34.28 17.21
N PHE B 162 -29.96 -34.69 16.01
CA PHE B 162 -29.07 -34.34 14.95
C PHE B 162 -29.68 -33.26 14.12
N GLY B 163 -28.82 -32.43 13.50
CA GLY B 163 -29.36 -31.39 12.63
C GLY B 163 -28.35 -30.54 11.90
N THR B 164 -28.87 -29.89 10.88
CA THR B 164 -28.09 -28.97 10.09
C THR B 164 -28.36 -27.52 10.49
N VAL B 165 -27.62 -26.64 9.87
CA VAL B 165 -27.83 -25.29 10.29
C VAL B 165 -29.24 -24.83 10.54
N ASP B 166 -30.03 -24.86 9.48
CA ASP B 166 -31.43 -24.49 9.54
C ASP B 166 -32.09 -25.16 10.75
N THR B 167 -31.92 -26.49 10.73
CA THR B 167 -32.47 -27.33 11.74
C THR B 167 -32.24 -26.77 13.14
N TRP B 168 -30.93 -26.51 13.38
CA TRP B 168 -30.38 -25.96 14.62
C TRP B 168 -30.97 -24.58 14.91
N LEU B 169 -30.80 -23.75 13.95
CA LEU B 169 -31.26 -22.40 14.06
C LEU B 169 -32.70 -22.34 14.47
N ILE B 170 -33.47 -23.17 13.83
CA ILE B 170 -34.87 -23.10 14.10
C ILE B 170 -35.25 -23.57 15.48
N TRP B 171 -34.80 -24.76 15.81
CA TRP B 171 -35.07 -25.26 17.11
C TRP B 171 -34.92 -24.14 18.10
N LYS B 172 -33.69 -23.74 18.15
CA LYS B 172 -33.26 -22.63 18.95
C LYS B 172 -34.23 -21.48 18.95
N MET B 173 -34.68 -21.10 17.77
CA MET B 173 -35.63 -20.00 17.65
C MET B 173 -36.99 -20.27 18.22
N THR B 174 -37.24 -21.56 18.37
CA THR B 174 -38.51 -22.06 18.86
C THR B 174 -38.27 -22.74 20.18
N GLN B 175 -37.12 -22.46 20.73
CA GLN B 175 -36.87 -23.05 22.02
C GLN B 175 -37.08 -24.52 21.97
N GLY B 176 -36.41 -25.18 21.02
CA GLY B 176 -36.51 -26.62 20.90
C GLY B 176 -37.93 -27.05 20.75
N ARG B 177 -38.77 -26.11 20.36
CA ARG B 177 -40.11 -26.52 20.15
C ARG B 177 -40.32 -27.01 18.75
N VAL B 178 -39.35 -26.76 17.87
CA VAL B 178 -39.45 -27.26 16.48
C VAL B 178 -38.18 -27.93 15.92
N HIS B 179 -38.30 -29.20 15.57
CA HIS B 179 -37.11 -29.87 15.07
C HIS B 179 -37.23 -30.39 13.62
N VAL B 180 -36.96 -29.51 12.70
CA VAL B 180 -37.13 -29.89 11.33
C VAL B 180 -36.05 -29.34 10.40
N THR B 181 -36.09 -29.83 9.15
CA THR B 181 -35.28 -29.38 8.04
C THR B 181 -36.16 -29.35 6.82
N ASP B 182 -35.63 -28.84 5.71
CA ASP B 182 -36.36 -28.82 4.48
C ASP B 182 -35.74 -29.84 3.56
N TYR B 183 -36.29 -29.99 2.40
CA TYR B 183 -35.72 -30.92 1.47
C TYR B 183 -34.33 -30.59 1.05
N THR B 184 -34.19 -29.39 0.51
CA THR B 184 -32.91 -29.00 0.02
C THR B 184 -31.90 -29.36 1.07
N ASN B 185 -32.24 -29.07 2.32
CA ASN B 185 -31.25 -29.37 3.31
C ASN B 185 -30.94 -30.85 3.42
N ALA B 186 -31.94 -31.56 3.84
CA ALA B 186 -31.88 -32.99 3.98
C ALA B 186 -31.17 -33.73 2.83
N SER B 187 -31.32 -33.23 1.61
CA SER B 187 -30.68 -33.92 0.50
C SER B 187 -29.18 -33.96 0.63
N ARG B 188 -28.62 -33.24 1.60
CA ARG B 188 -27.19 -33.15 1.64
C ARG B 188 -26.53 -33.97 2.69
N THR B 189 -27.40 -34.61 3.42
CA THR B 189 -26.97 -35.42 4.51
C THR B 189 -26.42 -36.77 4.06
N MET B 190 -26.87 -37.22 2.90
CA MET B 190 -26.51 -38.55 2.45
C MET B 190 -27.24 -39.57 3.31
N LEU B 191 -28.41 -39.17 3.81
CA LEU B 191 -29.22 -40.05 4.62
C LEU B 191 -30.65 -39.94 4.17
N PHE B 192 -30.83 -39.10 3.18
CA PHE B 192 -32.16 -38.85 2.72
C PHE B 192 -32.26 -39.23 1.28
N ASN B 193 -33.39 -39.87 0.93
CA ASN B 193 -33.66 -40.34 -0.42
C ASN B 193 -34.31 -39.31 -1.29
N ILE B 194 -33.56 -38.89 -2.29
CA ILE B 194 -34.05 -37.85 -3.11
C ILE B 194 -35.17 -38.20 -4.01
N HIS B 195 -35.52 -39.45 -4.01
CA HIS B 195 -36.56 -39.83 -4.91
C HIS B 195 -37.83 -40.10 -4.15
N THR B 196 -37.60 -40.97 -3.21
CA THR B 196 -38.58 -41.39 -2.28
C THR B 196 -39.05 -40.20 -1.48
N LEU B 197 -38.07 -39.40 -1.20
CA LEU B 197 -38.28 -38.24 -0.40
C LEU B 197 -38.39 -38.58 1.06
N ASP B 198 -37.40 -39.33 1.54
CA ASP B 198 -37.36 -39.63 2.96
C ASP B 198 -36.07 -40.27 3.41
N TRP B 199 -35.82 -40.27 4.71
CA TRP B 199 -34.65 -40.90 5.29
C TRP B 199 -34.40 -42.26 4.66
N ASP B 200 -33.22 -42.40 4.08
CA ASP B 200 -32.87 -43.65 3.44
C ASP B 200 -32.39 -44.70 4.41
N ASP B 201 -33.30 -45.62 4.69
CA ASP B 201 -33.00 -46.64 5.64
C ASP B 201 -31.63 -47.28 5.52
N LYS B 202 -31.35 -47.87 4.39
CA LYS B 202 -30.03 -48.45 4.24
C LYS B 202 -28.96 -47.48 4.73
N MET B 203 -29.15 -46.24 4.34
CA MET B 203 -28.24 -45.22 4.74
C MET B 203 -28.04 -45.18 6.23
N LEU B 204 -29.13 -45.12 6.97
CA LEU B 204 -28.91 -44.96 8.38
C LEU B 204 -28.33 -46.21 8.98
N GLU B 205 -28.73 -47.27 8.33
CA GLU B 205 -28.37 -48.58 8.76
C GLU B 205 -26.90 -48.72 8.64
N VAL B 206 -26.50 -48.20 7.53
CA VAL B 206 -25.14 -48.23 7.15
C VAL B 206 -24.24 -47.35 8.01
N LEU B 207 -24.71 -46.15 8.33
CA LEU B 207 -23.93 -45.24 9.14
C LEU B 207 -24.20 -45.37 10.59
N ASP B 208 -25.22 -46.16 10.91
CA ASP B 208 -25.56 -46.33 12.30
C ASP B 208 -26.06 -45.03 12.88
N ILE B 209 -27.19 -44.63 12.37
CA ILE B 209 -27.66 -43.36 12.82
C ILE B 209 -29.10 -43.38 13.19
N PRO B 210 -29.36 -43.71 14.43
CA PRO B 210 -30.66 -43.73 15.02
C PRO B 210 -31.65 -42.73 14.47
N ARG B 211 -32.65 -43.24 13.72
CA ARG B 211 -33.69 -42.31 13.20
C ARG B 211 -34.23 -41.33 14.17
N GLU B 212 -34.07 -41.74 15.38
CA GLU B 212 -34.45 -40.99 16.53
C GLU B 212 -33.89 -39.57 16.53
N MET B 213 -32.65 -39.41 16.09
CA MET B 213 -32.11 -38.11 16.18
C MET B 213 -32.46 -37.27 15.05
N LEU B 214 -33.11 -37.85 14.03
CA LEU B 214 -33.48 -37.02 12.89
C LEU B 214 -34.73 -36.19 13.05
N PRO B 215 -34.92 -35.25 12.12
CA PRO B 215 -36.01 -34.29 12.16
C PRO B 215 -37.00 -34.45 11.07
N GLU B 216 -38.10 -33.78 11.30
CA GLU B 216 -39.13 -33.79 10.30
C GLU B 216 -38.63 -32.96 9.13
N VAL B 217 -38.67 -33.55 7.94
CA VAL B 217 -38.26 -32.86 6.73
C VAL B 217 -39.48 -32.12 6.18
N ARG B 218 -39.33 -30.92 5.68
CA ARG B 218 -40.53 -30.29 5.15
C ARG B 218 -40.22 -29.55 3.90
N ARG B 219 -41.20 -28.86 3.37
CA ARG B 219 -40.85 -28.15 2.18
C ARG B 219 -40.35 -26.77 2.43
N SER B 220 -39.47 -26.42 1.53
CA SER B 220 -38.74 -25.18 1.52
C SER B 220 -39.57 -23.95 1.75
N SER B 221 -40.83 -23.97 1.40
CA SER B 221 -41.61 -22.78 1.66
C SER B 221 -42.94 -23.09 2.28
N GLU B 222 -42.88 -23.30 3.59
CA GLU B 222 -44.06 -23.58 4.37
C GLU B 222 -43.89 -23.02 5.77
N VAL B 223 -44.99 -22.86 6.50
CA VAL B 223 -44.79 -22.34 7.85
C VAL B 223 -44.38 -23.39 8.86
N TYR B 224 -43.17 -23.24 9.34
CA TYR B 224 -42.74 -24.22 10.29
C TYR B 224 -43.07 -23.82 11.73
N GLY B 225 -43.27 -22.54 11.95
CA GLY B 225 -43.59 -22.13 13.31
C GLY B 225 -43.24 -20.68 13.55
N GLN B 226 -43.20 -20.29 14.84
CA GLN B 226 -42.89 -18.90 15.08
C GLN B 226 -41.93 -18.71 16.20
N THR B 227 -41.49 -17.47 16.35
CA THR B 227 -40.48 -17.15 17.34
C THR B 227 -40.77 -15.83 18.08
N ASN B 228 -40.45 -15.82 19.39
CA ASN B 228 -40.68 -14.64 20.25
C ASN B 228 -39.43 -13.82 20.40
N ILE B 229 -39.40 -12.64 19.78
CA ILE B 229 -38.15 -11.86 19.92
C ILE B 229 -38.28 -10.57 20.70
N GLY B 230 -39.30 -10.55 21.51
CA GLY B 230 -39.52 -9.38 22.28
C GLY B 230 -40.36 -8.44 21.45
N GLY B 231 -40.49 -7.21 22.00
CA GLY B 231 -41.23 -6.13 21.39
C GLY B 231 -42.58 -5.88 22.07
N LYS B 232 -43.57 -5.66 21.22
CA LYS B 232 -44.89 -5.45 21.74
C LYS B 232 -45.35 -6.79 22.28
N GLY B 233 -45.68 -6.78 23.55
CA GLY B 233 -46.11 -8.00 24.17
C GLY B 233 -46.94 -8.80 23.22
N GLY B 234 -46.72 -10.12 23.25
CA GLY B 234 -47.43 -11.05 22.38
C GLY B 234 -47.33 -10.76 20.88
N THR B 235 -46.19 -11.10 20.32
CA THR B 235 -45.89 -10.95 18.93
C THR B 235 -45.06 -12.16 18.59
N ARG B 236 -45.42 -12.85 17.53
CA ARG B 236 -44.66 -14.01 17.11
C ARG B 236 -44.37 -13.96 15.66
N ILE B 237 -43.16 -14.31 15.32
CA ILE B 237 -42.84 -14.27 13.92
C ILE B 237 -42.76 -15.63 13.36
N PRO B 238 -43.51 -15.71 12.29
CA PRO B 238 -43.58 -16.89 11.49
C PRO B 238 -42.25 -17.19 10.80
N ILE B 239 -42.02 -18.47 10.77
CA ILE B 239 -40.89 -19.04 10.07
C ILE B 239 -41.48 -19.87 8.92
N SER B 240 -41.45 -19.27 7.72
CA SER B 240 -42.09 -19.88 6.57
C SER B 240 -41.22 -20.13 5.36
N GLY B 241 -39.91 -20.38 5.55
CA GLY B 241 -39.07 -20.63 4.39
C GLY B 241 -37.75 -21.23 4.79
N ILE B 242 -37.25 -22.18 3.98
CA ILE B 242 -35.97 -22.83 4.28
C ILE B 242 -35.32 -23.47 3.08
N ALA B 243 -34.03 -23.19 2.88
CA ALA B 243 -33.24 -23.81 1.82
C ALA B 243 -31.75 -23.69 2.01
N GLY B 244 -31.05 -24.73 1.56
CA GLY B 244 -29.61 -24.64 1.55
C GLY B 244 -29.28 -23.34 0.85
N ASP B 245 -28.35 -22.65 1.43
CA ASP B 245 -28.00 -21.38 0.87
C ASP B 245 -27.91 -21.46 -0.65
N GLN B 246 -27.13 -22.42 -1.13
CA GLN B 246 -26.96 -22.62 -2.57
C GLN B 246 -28.28 -22.63 -3.31
N GLN B 247 -29.19 -23.47 -2.83
CA GLN B 247 -30.50 -23.56 -3.40
C GLN B 247 -31.27 -22.27 -3.25
N ALA B 248 -31.11 -21.65 -2.07
CA ALA B 248 -31.70 -20.36 -1.82
C ALA B 248 -31.28 -19.40 -2.97
N ALA B 249 -29.99 -19.35 -3.16
CA ALA B 249 -29.44 -18.53 -4.17
C ALA B 249 -30.08 -18.73 -5.55
N LEU B 250 -30.15 -19.97 -5.95
CA LEU B 250 -30.69 -20.35 -7.25
C LEU B 250 -32.04 -19.72 -7.47
N PHE B 251 -32.86 -19.94 -6.43
CA PHE B 251 -34.21 -19.46 -6.35
C PHE B 251 -34.18 -17.98 -6.48
N GLY B 252 -33.38 -17.36 -5.64
CA GLY B 252 -33.24 -15.93 -5.70
C GLY B 252 -32.97 -15.46 -7.14
N GLN B 253 -32.04 -16.15 -7.80
CA GLN B 253 -31.68 -15.84 -9.17
C GLN B 253 -32.86 -16.09 -10.10
N LEU B 254 -33.89 -16.74 -9.51
CA LEU B 254 -35.12 -17.04 -10.18
C LEU B 254 -34.90 -18.18 -11.16
N CYS B 255 -33.91 -19.02 -10.88
CA CYS B 255 -33.65 -20.17 -11.74
C CYS B 255 -34.60 -21.25 -11.35
N VAL B 256 -35.79 -21.07 -11.83
CA VAL B 256 -36.82 -21.93 -11.37
C VAL B 256 -37.37 -22.89 -12.39
N LYS B 257 -36.74 -22.78 -13.55
CA LYS B 257 -37.07 -23.64 -14.65
C LYS B 257 -35.87 -24.42 -15.10
N GLU B 258 -36.14 -25.64 -15.48
CA GLU B 258 -35.05 -26.47 -15.92
C GLU B 258 -34.22 -25.70 -16.91
N GLY B 259 -32.93 -25.95 -16.76
CA GLY B 259 -31.94 -25.37 -17.65
C GLY B 259 -31.37 -24.10 -17.12
N MET B 260 -32.06 -23.57 -16.13
CA MET B 260 -31.55 -22.36 -15.59
C MET B 260 -30.54 -22.69 -14.56
N ALA B 261 -29.48 -21.90 -14.57
CA ALA B 261 -28.39 -22.10 -13.65
C ALA B 261 -27.67 -20.83 -13.25
N LYS B 262 -26.97 -20.88 -12.08
CA LYS B 262 -26.15 -19.76 -11.60
C LYS B 262 -24.80 -20.22 -11.09
N ASN B 263 -23.99 -19.25 -10.75
CA ASN B 263 -22.71 -19.53 -10.13
C ASN B 263 -22.50 -18.64 -8.96
N THR B 264 -22.54 -19.25 -7.81
CA THR B 264 -22.32 -18.50 -6.57
C THR B 264 -20.86 -18.41 -6.18
N TYR B 265 -20.41 -17.18 -5.97
CA TYR B 265 -19.00 -16.94 -5.63
C TYR B 265 -18.86 -16.58 -4.15
N GLY B 266 -18.84 -17.59 -3.30
CA GLY B 266 -18.77 -17.38 -1.87
C GLY B 266 -17.67 -18.09 -1.12
N THR B 267 -18.05 -18.76 -0.04
CA THR B 267 -16.94 -19.36 0.65
C THR B 267 -16.15 -20.23 -0.28
N GLY B 268 -16.94 -20.93 -1.10
CA GLY B 268 -16.51 -21.74 -2.22
C GLY B 268 -17.37 -21.37 -3.44
N CYS B 269 -17.28 -22.10 -4.53
CA CYS B 269 -18.11 -21.80 -5.64
C CYS B 269 -19.19 -22.81 -5.78
N PHE B 270 -20.39 -22.31 -6.04
CA PHE B 270 -21.54 -23.17 -6.20
C PHE B 270 -22.40 -22.87 -7.42
N MET B 271 -22.21 -23.74 -8.39
CA MET B 271 -22.95 -23.67 -9.60
C MET B 271 -23.97 -24.81 -9.68
N LEU B 272 -25.25 -24.37 -9.69
CA LEU B 272 -26.38 -25.28 -9.78
C LEU B 272 -27.20 -24.93 -10.99
N MET B 273 -27.71 -26.00 -11.62
CA MET B 273 -28.59 -25.88 -12.74
C MET B 273 -29.93 -26.55 -12.46
N ASN B 274 -30.99 -25.77 -12.67
CA ASN B 274 -32.33 -26.23 -12.44
C ASN B 274 -32.68 -27.31 -13.45
N THR B 275 -32.99 -28.49 -12.92
CA THR B 275 -33.31 -29.62 -13.77
C THR B 275 -34.76 -29.99 -13.68
N GLY B 276 -35.54 -28.96 -13.54
CA GLY B 276 -36.94 -29.18 -13.43
C GLY B 276 -37.31 -30.12 -12.29
N GLU B 277 -38.21 -30.96 -12.65
CA GLU B 277 -38.77 -31.89 -11.74
C GLU B 277 -38.16 -33.26 -11.91
N LYS B 278 -37.06 -33.35 -12.69
CA LYS B 278 -36.40 -34.62 -12.96
C LYS B 278 -34.97 -34.64 -12.57
N ALA B 279 -34.67 -35.62 -11.79
CA ALA B 279 -33.34 -35.78 -11.32
C ALA B 279 -32.44 -36.19 -12.43
N VAL B 280 -31.41 -35.38 -12.72
CA VAL B 280 -30.51 -35.86 -13.75
C VAL B 280 -29.17 -36.34 -13.18
N LYS B 281 -28.84 -37.57 -13.52
CA LYS B 281 -27.64 -38.21 -13.04
C LYS B 281 -26.39 -37.59 -13.60
N SER B 282 -25.36 -37.44 -12.79
CA SER B 282 -24.15 -36.85 -13.31
C SER B 282 -23.12 -37.86 -13.74
N GLU B 283 -22.77 -37.76 -14.98
CA GLU B 283 -21.79 -38.67 -15.50
C GLU B 283 -20.43 -37.98 -15.55
N ASN B 284 -20.44 -36.77 -15.00
CA ASN B 284 -19.31 -35.88 -15.04
C ASN B 284 -18.73 -35.41 -13.72
N GLY B 285 -19.09 -36.11 -12.65
CA GLY B 285 -18.54 -35.79 -11.33
C GLY B 285 -19.17 -34.58 -10.66
N LEU B 286 -20.47 -34.41 -10.90
CA LEU B 286 -21.27 -33.35 -10.34
C LEU B 286 -22.29 -34.01 -9.42
N LEU B 287 -23.03 -33.21 -8.67
CA LEU B 287 -24.03 -33.80 -7.80
C LEU B 287 -25.41 -33.66 -8.34
N THR B 288 -26.26 -34.52 -7.84
CA THR B 288 -27.62 -34.43 -8.23
C THR B 288 -28.34 -34.07 -6.95
N THR B 289 -29.02 -32.89 -6.97
CA THR B 289 -29.70 -32.44 -5.79
C THR B 289 -31.08 -31.80 -5.87
N ILE B 290 -31.60 -31.55 -4.69
CA ILE B 290 -32.89 -30.99 -4.63
C ILE B 290 -32.87 -29.50 -4.65
N ALA B 291 -33.83 -28.98 -5.38
CA ALA B 291 -33.95 -27.56 -5.50
C ALA B 291 -35.43 -27.13 -5.44
N CYS B 292 -35.76 -25.88 -5.77
CA CYS B 292 -37.17 -25.52 -5.70
C CYS B 292 -37.83 -25.05 -6.95
N GLY B 293 -38.98 -25.66 -7.14
CA GLY B 293 -39.85 -25.25 -8.18
C GLY B 293 -40.40 -23.93 -7.70
N PRO B 294 -40.85 -23.17 -8.67
CA PRO B 294 -41.40 -21.83 -8.61
C PRO B 294 -42.43 -21.57 -7.57
N THR B 295 -42.59 -22.54 -6.70
CA THR B 295 -43.53 -22.37 -5.63
C THR B 295 -43.05 -23.04 -4.39
N GLY B 296 -41.77 -23.31 -4.39
CA GLY B 296 -41.21 -23.91 -3.22
C GLY B 296 -41.44 -25.39 -3.26
N GLU B 297 -41.81 -25.81 -4.45
CA GLU B 297 -42.06 -27.21 -4.77
C GLU B 297 -40.72 -27.84 -5.00
N VAL B 298 -40.68 -29.15 -4.97
CA VAL B 298 -39.37 -29.69 -5.26
C VAL B 298 -38.99 -29.72 -6.71
N ASN B 299 -37.71 -29.67 -6.91
CA ASN B 299 -37.14 -29.71 -8.20
C ASN B 299 -35.85 -30.38 -8.00
N TYR B 300 -35.07 -30.40 -9.05
CA TYR B 300 -33.78 -30.96 -8.94
C TYR B 300 -32.82 -30.06 -9.65
N ALA B 301 -31.57 -30.44 -9.51
CA ALA B 301 -30.56 -29.69 -10.15
C ALA B 301 -29.29 -30.46 -10.20
N LEU B 302 -28.42 -29.89 -10.97
CA LEU B 302 -27.13 -30.43 -11.06
C LEU B 302 -26.24 -29.49 -10.28
N GLU B 303 -25.30 -30.02 -9.53
CA GLU B 303 -24.42 -29.13 -8.81
C GLU B 303 -22.92 -29.47 -8.88
N GLY B 304 -22.19 -28.40 -8.75
CA GLY B 304 -20.76 -28.48 -8.70
C GLY B 304 -20.32 -27.73 -7.46
N ALA B 305 -19.69 -28.41 -6.50
CA ALA B 305 -19.26 -27.71 -5.32
C ALA B 305 -17.75 -27.57 -5.35
N VAL B 306 -17.36 -26.32 -5.13
CA VAL B 306 -15.96 -25.95 -5.09
C VAL B 306 -15.67 -25.42 -3.72
N PHE B 307 -14.80 -26.09 -2.97
CA PHE B 307 -14.59 -25.68 -1.58
C PHE B 307 -14.03 -24.28 -1.32
N MET B 308 -13.10 -23.77 -2.16
CA MET B 308 -12.45 -22.52 -1.86
C MET B 308 -12.56 -21.40 -2.86
N ALA B 309 -13.39 -20.45 -2.53
CA ALA B 309 -13.53 -19.27 -3.36
C ALA B 309 -13.20 -18.00 -2.55
N GLY B 310 -14.19 -17.38 -1.89
CA GLY B 310 -13.90 -16.20 -1.06
C GLY B 310 -12.91 -16.57 0.06
N ALA B 311 -13.18 -17.72 0.63
CA ALA B 311 -12.28 -18.23 1.62
C ALA B 311 -10.79 -18.01 1.21
N SER B 312 -10.43 -18.32 -0.07
CA SER B 312 -9.06 -18.18 -0.53
C SER B 312 -8.56 -16.74 -0.32
N ILE B 313 -9.42 -15.84 -0.70
CA ILE B 313 -9.05 -14.46 -0.50
C ILE B 313 -8.87 -14.17 0.98
N GLN B 314 -9.96 -14.48 1.69
CA GLN B 314 -9.98 -14.26 3.09
C GLN B 314 -8.59 -14.61 3.57
N TRP B 315 -8.11 -15.80 3.16
CA TRP B 315 -6.78 -16.31 3.49
C TRP B 315 -5.68 -15.39 3.06
N LEU B 316 -5.72 -15.06 1.80
CA LEU B 316 -4.75 -14.09 1.36
C LEU B 316 -4.69 -12.92 2.31
N ARG B 317 -5.83 -12.55 2.79
CA ARG B 317 -5.88 -11.40 3.62
C ARG B 317 -5.41 -11.58 5.03
N ASP B 318 -6.06 -12.43 5.77
CA ASP B 318 -5.77 -12.67 7.18
C ASP B 318 -4.56 -13.55 7.50
N GLU B 319 -4.36 -14.63 6.76
CA GLU B 319 -3.26 -15.54 7.04
C GLU B 319 -1.98 -15.10 6.40
N MET B 320 -2.08 -14.78 5.10
CA MET B 320 -0.93 -14.40 4.36
C MET B 320 -0.75 -12.98 4.59
N LYS B 321 -1.81 -12.39 5.01
CA LYS B 321 -1.65 -10.99 5.29
C LYS B 321 -1.06 -10.28 4.06
N LEU B 322 -1.46 -10.73 2.88
CA LEU B 322 -0.90 -10.21 1.65
C LEU B 322 -1.69 -9.04 1.10
N ILE B 323 -2.84 -8.80 1.70
CA ILE B 323 -3.69 -7.71 1.26
C ILE B 323 -4.51 -7.38 2.45
N ASN B 324 -5.25 -6.26 2.33
CA ASN B 324 -6.15 -5.83 3.37
C ASN B 324 -7.52 -5.36 2.87
N ASP B 325 -8.15 -4.60 3.76
CA ASP B 325 -9.48 -4.07 3.49
C ASP B 325 -9.34 -2.89 2.56
N ALA B 326 -8.18 -2.21 2.71
CA ALA B 326 -7.83 -1.02 1.96
C ALA B 326 -7.25 -1.34 0.59
N TYR B 327 -6.46 -2.41 0.55
CA TYR B 327 -5.85 -2.82 -0.68
C TYR B 327 -6.25 -4.21 -1.04
N ASP B 328 -7.12 -4.24 -2.00
CA ASP B 328 -7.79 -5.37 -2.58
C ASP B 328 -6.99 -6.40 -3.38
N SER B 329 -7.53 -7.64 -3.34
CA SER B 329 -7.01 -8.75 -4.12
C SER B 329 -6.77 -8.17 -5.48
N GLU B 330 -7.87 -7.59 -5.99
CA GLU B 330 -7.99 -6.93 -7.28
C GLU B 330 -6.93 -5.86 -7.45
N TYR B 331 -6.86 -5.06 -6.42
CA TYR B 331 -5.90 -4.01 -6.45
C TYR B 331 -4.59 -4.48 -7.01
N PHE B 332 -3.99 -5.41 -6.28
CA PHE B 332 -2.68 -5.89 -6.63
C PHE B 332 -2.71 -6.76 -7.83
N ALA B 333 -3.76 -7.54 -7.89
CA ALA B 333 -3.89 -8.51 -8.92
C ALA B 333 -3.62 -7.92 -10.30
N THR B 334 -4.10 -6.70 -10.43
CA THR B 334 -4.02 -6.01 -11.66
C THR B 334 -2.71 -5.33 -11.82
N LYS B 335 -1.99 -5.23 -10.72
CA LYS B 335 -0.69 -4.59 -10.82
C LYS B 335 0.17 -5.37 -11.82
N VAL B 336 -0.26 -6.57 -12.11
CA VAL B 336 0.50 -7.34 -13.06
C VAL B 336 -0.39 -7.92 -14.12
N GLN B 337 0.31 -8.28 -15.21
CA GLN B 337 -0.28 -8.81 -16.41
C GLN B 337 -0.60 -10.30 -16.50
N ASN B 338 -0.11 -11.09 -15.53
CA ASN B 338 -0.28 -12.55 -15.47
C ASN B 338 0.30 -13.11 -14.19
N THR B 339 0.15 -14.41 -14.01
CA THR B 339 0.72 -15.05 -12.84
C THR B 339 2.19 -15.17 -13.03
N ASN B 340 2.68 -14.87 -14.23
CA ASN B 340 4.10 -15.05 -14.42
C ASN B 340 4.38 -16.53 -14.31
N GLY B 341 3.37 -17.30 -14.69
CA GLY B 341 3.47 -18.74 -14.73
C GLY B 341 3.01 -19.50 -13.49
N VAL B 342 2.62 -18.75 -12.50
CA VAL B 342 2.25 -19.36 -11.29
C VAL B 342 0.86 -19.95 -11.27
N TYR B 343 0.69 -20.87 -10.39
CA TYR B 343 -0.59 -21.42 -10.23
C TYR B 343 -0.81 -21.76 -8.79
N VAL B 344 -2.05 -21.56 -8.38
CA VAL B 344 -2.44 -21.82 -7.03
C VAL B 344 -3.58 -22.82 -7.04
N VAL B 345 -3.40 -23.95 -6.33
CA VAL B 345 -4.44 -24.97 -6.21
C VAL B 345 -4.98 -24.96 -4.77
N PRO B 346 -6.11 -24.30 -4.64
CA PRO B 346 -6.79 -24.07 -3.39
C PRO B 346 -7.38 -25.31 -2.74
N ALA B 347 -6.56 -26.35 -2.66
CA ALA B 347 -7.04 -27.58 -2.07
C ALA B 347 -6.99 -27.49 -0.57
N PHE B 348 -7.07 -26.29 -0.10
CA PHE B 348 -6.96 -26.10 1.31
C PHE B 348 -7.73 -27.10 2.12
N THR B 349 -8.90 -27.38 1.66
CA THR B 349 -9.78 -28.27 2.38
C THR B 349 -10.05 -29.59 1.59
N GLY B 350 -9.03 -29.97 0.80
CA GLY B 350 -9.14 -31.11 -0.07
C GLY B 350 -9.72 -30.51 -1.35
N LEU B 351 -10.16 -31.39 -2.26
CA LEU B 351 -10.75 -31.02 -3.55
C LEU B 351 -12.13 -31.53 -3.66
N GLY B 352 -12.97 -30.72 -4.29
CA GLY B 352 -14.38 -31.05 -4.51
C GLY B 352 -14.71 -31.40 -5.96
N ALA B 353 -15.90 -31.04 -6.40
CA ALA B 353 -16.25 -31.35 -7.75
C ALA B 353 -15.34 -30.64 -8.70
N PRO B 354 -14.94 -31.33 -9.75
CA PRO B 354 -15.42 -32.68 -10.00
C PRO B 354 -14.38 -33.67 -9.54
N TYR B 355 -13.31 -33.20 -8.92
CA TYR B 355 -12.24 -34.09 -8.52
C TYR B 355 -12.55 -34.99 -7.32
N TRP B 356 -13.09 -34.41 -6.23
CA TRP B 356 -13.40 -35.18 -5.05
C TRP B 356 -12.22 -35.94 -4.40
N ASP B 357 -11.19 -35.17 -4.02
CA ASP B 357 -10.00 -35.68 -3.38
C ASP B 357 -9.79 -34.98 -2.10
N PRO B 358 -10.12 -35.67 -1.07
CA PRO B 358 -10.03 -35.20 0.27
C PRO B 358 -8.62 -35.26 0.79
N TYR B 359 -7.71 -35.83 0.00
CA TYR B 359 -6.29 -35.92 0.36
C TYR B 359 -5.48 -34.88 -0.39
N ALA B 360 -6.17 -34.00 -1.03
CA ALA B 360 -5.52 -32.96 -1.74
C ALA B 360 -5.32 -31.81 -0.79
N ARG B 361 -4.33 -30.96 -1.01
CA ARG B 361 -4.14 -29.82 -0.13
C ARG B 361 -3.53 -28.65 -0.83
N GLY B 362 -3.96 -27.47 -0.45
CA GLY B 362 -3.45 -26.30 -1.09
C GLY B 362 -1.99 -26.38 -1.60
N ALA B 363 -1.78 -25.89 -2.84
CA ALA B 363 -0.44 -25.84 -3.43
C ALA B 363 -0.23 -24.68 -4.39
N ILE B 364 1.02 -24.31 -4.56
CA ILE B 364 1.33 -23.22 -5.45
C ILE B 364 2.44 -23.66 -6.37
N PHE B 365 2.25 -23.43 -7.67
CA PHE B 365 3.27 -23.88 -8.56
C PHE B 365 3.82 -22.86 -9.48
N GLY B 366 4.99 -23.24 -9.99
CA GLY B 366 5.67 -22.45 -10.98
C GLY B 366 6.45 -21.27 -10.46
N LEU B 367 7.05 -21.36 -9.27
CA LEU B 367 7.83 -20.26 -8.74
C LEU B 367 9.17 -20.10 -9.40
N THR B 368 9.43 -18.85 -9.64
CA THR B 368 10.65 -18.37 -10.15
C THR B 368 11.01 -17.15 -9.35
N ARG B 369 12.30 -16.90 -9.39
CA ARG B 369 12.88 -15.82 -8.70
C ARG B 369 12.12 -14.52 -8.85
N GLY B 370 11.57 -14.23 -10.01
CA GLY B 370 10.90 -12.94 -10.14
C GLY B 370 9.44 -12.95 -9.69
N VAL B 371 8.93 -14.10 -9.37
CA VAL B 371 7.56 -14.13 -9.00
C VAL B 371 7.39 -13.32 -7.75
N ASN B 372 6.34 -12.51 -7.71
CA ASN B 372 6.03 -11.79 -6.51
C ASN B 372 4.60 -11.98 -6.05
N ALA B 373 4.36 -11.22 -5.05
CA ALA B 373 3.15 -11.34 -4.40
C ALA B 373 2.00 -11.05 -5.28
N ASN B 374 2.22 -10.12 -6.17
CA ASN B 374 1.11 -9.78 -6.98
C ASN B 374 0.71 -10.93 -7.82
N HIS B 375 1.72 -11.59 -8.34
CA HIS B 375 1.44 -12.78 -9.07
C HIS B 375 0.64 -13.75 -8.21
N ILE B 376 1.20 -14.07 -7.06
CA ILE B 376 0.55 -14.97 -6.18
C ILE B 376 -0.89 -14.55 -5.92
N ILE B 377 -1.13 -13.31 -5.56
CA ILE B 377 -2.51 -12.85 -5.31
C ILE B 377 -3.45 -13.19 -6.48
N ARG B 378 -2.94 -12.79 -7.62
CA ARG B 378 -3.61 -13.02 -8.85
C ARG B 378 -3.85 -14.51 -9.10
N ALA B 379 -2.80 -15.28 -8.96
CA ALA B 379 -2.96 -16.68 -9.20
C ALA B 379 -4.09 -17.20 -8.38
N THR B 380 -4.14 -16.65 -7.21
CA THR B 380 -5.13 -17.08 -6.29
C THR B 380 -6.48 -16.78 -6.81
N LEU B 381 -6.65 -15.57 -7.26
CA LEU B 381 -7.90 -15.18 -7.84
C LEU B 381 -8.19 -16.02 -9.06
N GLU B 382 -7.21 -16.16 -9.92
CA GLU B 382 -7.53 -16.93 -11.07
C GLU B 382 -8.11 -18.31 -10.72
N SER B 383 -7.48 -18.93 -9.74
CA SER B 383 -7.87 -20.25 -9.31
C SER B 383 -9.36 -20.38 -9.30
N ILE B 384 -10.00 -19.30 -8.90
CA ILE B 384 -11.43 -19.33 -8.80
C ILE B 384 -12.11 -19.66 -10.10
N ALA B 385 -11.71 -18.88 -11.06
CA ALA B 385 -12.25 -19.00 -12.36
C ALA B 385 -11.92 -20.37 -12.93
N TYR B 386 -10.67 -20.85 -12.72
CA TYR B 386 -10.36 -22.18 -13.25
C TYR B 386 -11.32 -23.23 -12.78
N GLN B 387 -11.49 -23.25 -11.48
CA GLN B 387 -12.36 -24.21 -10.94
C GLN B 387 -13.75 -24.05 -11.54
N THR B 388 -14.18 -22.82 -11.64
CA THR B 388 -15.48 -22.56 -12.23
C THR B 388 -15.59 -23.29 -13.54
N ARG B 389 -14.67 -22.97 -14.41
CA ARG B 389 -14.55 -23.66 -15.66
C ARG B 389 -14.70 -25.15 -15.47
N ASP B 390 -13.83 -25.72 -14.63
CA ASP B 390 -13.95 -27.11 -14.46
C ASP B 390 -15.36 -27.60 -14.31
N VAL B 391 -16.07 -27.07 -13.34
CA VAL B 391 -17.42 -27.57 -13.18
C VAL B 391 -18.34 -27.15 -14.26
N LEU B 392 -18.14 -25.92 -14.74
CA LEU B 392 -19.08 -25.50 -15.75
C LEU B 392 -19.14 -26.44 -16.90
N GLU B 393 -17.96 -26.87 -17.33
CA GLU B 393 -17.93 -27.83 -18.37
C GLU B 393 -18.53 -29.19 -17.97
N ALA B 394 -18.22 -29.69 -16.81
CA ALA B 394 -18.85 -30.94 -16.40
C ALA B 394 -20.35 -30.86 -16.56
N MET B 395 -20.84 -29.72 -16.12
CA MET B 395 -22.25 -29.46 -16.09
C MET B 395 -22.88 -29.44 -17.46
N GLN B 396 -22.28 -28.69 -18.35
CA GLN B 396 -22.86 -28.62 -19.68
C GLN B 396 -22.90 -29.99 -20.31
N ALA B 397 -21.91 -30.78 -19.98
CA ALA B 397 -21.83 -32.11 -20.48
C ALA B 397 -22.94 -32.89 -19.82
N ASP B 398 -22.94 -32.79 -18.55
CA ASP B 398 -23.94 -33.51 -17.86
C ASP B 398 -25.29 -33.14 -18.41
N SER B 399 -25.50 -31.83 -18.49
CA SER B 399 -26.74 -31.18 -18.85
C SER B 399 -27.06 -31.25 -20.29
N GLY B 400 -26.03 -31.26 -21.08
CA GLY B 400 -26.15 -31.32 -22.51
C GLY B 400 -26.53 -29.98 -23.14
N ILE B 401 -26.10 -28.91 -22.52
CA ILE B 401 -26.45 -27.66 -23.12
C ILE B 401 -25.39 -26.67 -22.84
N ARG B 402 -25.32 -25.75 -23.74
CA ARG B 402 -24.32 -24.76 -23.61
C ARG B 402 -24.88 -23.50 -23.09
N LEU B 403 -24.38 -23.10 -21.93
CA LEU B 403 -24.84 -21.88 -21.34
C LEU B 403 -24.41 -20.77 -22.24
N HIS B 404 -25.31 -19.85 -22.51
CA HIS B 404 -24.97 -18.69 -23.34
C HIS B 404 -24.35 -17.54 -22.53
N ALA B 405 -24.52 -17.58 -21.17
CA ALA B 405 -23.96 -16.62 -20.24
C ALA B 405 -23.93 -17.13 -18.88
N LEU B 406 -22.90 -16.75 -18.15
CA LEU B 406 -22.86 -17.19 -16.77
C LEU B 406 -23.50 -16.19 -15.86
N ARG B 407 -24.50 -16.66 -15.16
CA ARG B 407 -25.07 -15.74 -14.27
C ARG B 407 -24.51 -16.04 -12.94
N VAL B 408 -24.06 -15.00 -12.30
CA VAL B 408 -23.40 -15.15 -11.04
C VAL B 408 -23.95 -14.31 -9.97
N ASP B 409 -23.39 -14.54 -8.81
CA ASP B 409 -23.75 -13.85 -7.61
C ASP B 409 -22.77 -14.23 -6.54
N GLY B 410 -22.81 -13.43 -5.46
CA GLY B 410 -21.93 -13.62 -4.33
C GLY B 410 -20.92 -12.52 -4.31
N GLY B 411 -20.38 -12.22 -3.14
CA GLY B 411 -19.44 -11.12 -2.96
C GLY B 411 -18.35 -10.97 -4.02
N ALA B 412 -17.58 -12.02 -4.14
CA ALA B 412 -16.52 -11.95 -5.09
C ALA B 412 -16.92 -11.33 -6.44
N VAL B 413 -18.21 -11.46 -6.81
CA VAL B 413 -18.63 -10.96 -8.10
C VAL B 413 -18.35 -9.48 -8.28
N ALA B 414 -18.23 -8.80 -7.17
CA ALA B 414 -17.92 -7.41 -7.26
C ALA B 414 -16.52 -7.19 -7.76
N ASN B 415 -15.78 -8.26 -7.88
CA ASN B 415 -14.43 -8.18 -8.34
C ASN B 415 -14.36 -8.18 -9.84
N ASN B 416 -14.00 -7.01 -10.32
CA ASN B 416 -13.99 -6.87 -11.75
C ASN B 416 -13.01 -7.77 -12.43
N PHE B 417 -11.87 -7.86 -11.84
CA PHE B 417 -10.80 -8.61 -12.43
C PHE B 417 -11.24 -10.02 -12.55
N LEU B 418 -11.69 -10.51 -11.41
CA LEU B 418 -12.14 -11.85 -11.39
C LEU B 418 -13.22 -12.06 -12.46
N MET B 419 -14.24 -11.19 -12.39
CA MET B 419 -15.31 -11.31 -13.33
C MET B 419 -14.78 -11.34 -14.77
N GLN B 420 -13.91 -10.39 -15.11
CA GLN B 420 -13.38 -10.45 -16.47
C GLN B 420 -12.78 -11.81 -16.83
N PHE B 421 -11.71 -12.12 -16.14
CA PHE B 421 -11.02 -13.37 -16.28
C PHE B 421 -11.96 -14.56 -16.46
N GLN B 422 -12.76 -14.81 -15.41
CA GLN B 422 -13.72 -15.87 -15.45
C GLN B 422 -14.25 -15.96 -16.85
N SER B 423 -14.80 -14.85 -17.27
CA SER B 423 -15.32 -14.71 -18.60
C SER B 423 -14.30 -15.11 -19.66
N ASP B 424 -13.10 -14.61 -19.57
CA ASP B 424 -12.08 -14.92 -20.54
C ASP B 424 -11.79 -16.37 -20.67
N ILE B 425 -11.42 -16.86 -19.56
CA ILE B 425 -11.05 -18.23 -19.44
C ILE B 425 -12.22 -19.12 -19.76
N LEU B 426 -13.39 -18.60 -19.64
CA LEU B 426 -14.54 -19.40 -19.88
C LEU B 426 -14.83 -19.37 -21.35
N GLY B 427 -14.58 -18.18 -21.89
CA GLY B 427 -14.91 -17.85 -23.23
C GLY B 427 -16.43 -17.71 -23.22
N THR B 428 -16.93 -16.99 -22.22
CA THR B 428 -18.35 -16.78 -22.05
C THR B 428 -18.76 -15.46 -21.40
N ARG B 429 -19.96 -15.02 -21.76
CA ARG B 429 -20.43 -13.81 -21.17
C ARG B 429 -20.76 -14.10 -19.75
N VAL B 430 -20.38 -13.17 -18.92
CA VAL B 430 -20.71 -13.28 -17.52
C VAL B 430 -21.65 -12.15 -17.18
N GLU B 431 -22.74 -12.50 -16.53
CA GLU B 431 -23.73 -11.53 -16.20
C GLU B 431 -23.76 -11.21 -14.73
N ARG B 432 -23.17 -10.06 -14.42
CA ARG B 432 -23.16 -9.58 -13.07
C ARG B 432 -24.34 -8.72 -12.81
N PRO B 433 -25.15 -9.22 -11.91
CA PRO B 433 -26.34 -8.57 -11.46
C PRO B 433 -26.04 -7.53 -10.37
N GLU B 434 -27.04 -6.70 -10.19
CA GLU B 434 -27.19 -5.63 -9.22
C GLU B 434 -26.75 -5.99 -7.78
N VAL B 435 -27.66 -6.78 -7.15
CA VAL B 435 -27.63 -7.35 -5.79
C VAL B 435 -27.04 -8.74 -5.77
N ARG B 436 -25.77 -8.78 -5.38
CA ARG B 436 -24.97 -9.99 -5.26
C ARG B 436 -25.47 -10.97 -4.18
N GLU B 437 -26.42 -10.54 -3.36
CA GLU B 437 -26.83 -11.39 -2.26
C GLU B 437 -28.19 -12.00 -2.34
N VAL B 438 -28.33 -12.75 -3.41
CA VAL B 438 -29.56 -13.41 -3.75
C VAL B 438 -29.85 -14.57 -2.83
N THR B 439 -28.81 -15.01 -2.15
CA THR B 439 -29.04 -16.12 -1.27
C THR B 439 -30.16 -15.82 -0.39
N ALA B 440 -30.02 -14.66 0.22
CA ALA B 440 -31.02 -14.15 1.12
C ALA B 440 -32.38 -13.96 0.45
N LEU B 441 -32.37 -13.32 -0.70
CA LEU B 441 -33.63 -13.16 -1.37
C LEU B 441 -34.33 -14.48 -1.48
N GLY B 442 -33.63 -15.46 -2.10
CA GLY B 442 -34.17 -16.77 -2.25
C GLY B 442 -35.05 -17.03 -1.01
N ALA B 443 -34.40 -17.02 0.14
CA ALA B 443 -35.12 -17.25 1.36
C ALA B 443 -36.34 -16.36 1.52
N ALA B 444 -36.10 -15.04 1.49
CA ALA B 444 -37.20 -14.07 1.64
C ALA B 444 -38.46 -14.58 0.94
N TYR B 445 -38.27 -14.75 -0.35
CA TYR B 445 -39.24 -15.27 -1.29
C TYR B 445 -39.97 -16.41 -0.67
N LEU B 446 -39.28 -17.54 -0.64
CA LEU B 446 -39.87 -18.71 -0.05
C LEU B 446 -40.81 -18.36 1.08
N ALA B 447 -40.21 -17.91 2.16
CA ALA B 447 -40.98 -17.55 3.31
C ALA B 447 -42.15 -16.64 2.97
N GLY B 448 -41.84 -15.52 2.33
CA GLY B 448 -42.87 -14.54 1.97
C GLY B 448 -43.93 -15.20 1.08
N LEU B 449 -43.43 -16.11 0.28
CA LEU B 449 -44.30 -16.86 -0.58
C LEU B 449 -45.28 -17.65 0.26
N ALA B 450 -44.71 -18.41 1.16
CA ALA B 450 -45.43 -19.25 2.09
C ALA B 450 -46.47 -18.49 2.93
N VAL B 451 -46.37 -17.18 2.93
CA VAL B 451 -47.25 -16.43 3.80
C VAL B 451 -48.12 -15.47 3.03
N GLY B 452 -48.00 -15.56 1.73
CA GLY B 452 -48.81 -14.72 0.93
C GLY B 452 -48.27 -13.34 0.82
N PHE B 453 -47.14 -13.07 1.50
CA PHE B 453 -46.56 -11.75 1.36
C PHE B 453 -46.51 -11.47 -0.13
N TRP B 454 -46.22 -12.53 -0.87
CA TRP B 454 -46.25 -12.45 -2.30
C TRP B 454 -47.08 -13.58 -2.81
N GLN B 455 -47.60 -13.31 -4.00
CA GLN B 455 -48.41 -14.25 -4.69
C GLN B 455 -47.60 -15.22 -5.54
N ASN B 456 -46.43 -14.75 -6.06
CA ASN B 456 -45.51 -15.55 -6.87
C ASN B 456 -44.43 -14.76 -7.59
N LEU B 457 -43.47 -15.55 -7.95
CA LEU B 457 -42.28 -15.15 -8.61
C LEU B 457 -42.48 -14.03 -9.59
N ASP B 458 -43.45 -14.21 -10.45
CA ASP B 458 -43.66 -13.21 -11.47
C ASP B 458 -43.50 -11.85 -10.87
N GLU B 459 -44.25 -11.61 -9.79
CA GLU B 459 -44.20 -10.34 -9.09
C GLU B 459 -42.77 -9.77 -9.07
N LEU B 460 -41.81 -10.68 -8.87
CA LEU B 460 -40.40 -10.41 -8.70
C LEU B 460 -39.55 -10.58 -9.96
N GLN B 461 -40.17 -10.66 -11.08
CA GLN B 461 -39.42 -10.86 -12.28
C GLN B 461 -38.55 -9.70 -12.63
N GLU B 462 -39.15 -8.54 -12.67
CA GLU B 462 -38.38 -7.38 -13.05
C GLU B 462 -37.48 -6.90 -11.92
N LYS B 463 -37.39 -7.72 -10.87
CA LYS B 463 -36.56 -7.36 -9.73
C LYS B 463 -35.07 -7.36 -10.02
N ALA B 464 -34.62 -8.27 -10.87
CA ALA B 464 -33.20 -8.35 -11.14
C ALA B 464 -32.63 -7.44 -12.22
N VAL B 465 -31.37 -7.05 -11.99
CA VAL B 465 -30.65 -6.17 -12.89
C VAL B 465 -29.24 -6.63 -13.22
N ILE B 466 -28.96 -6.67 -14.53
CA ILE B 466 -27.63 -7.02 -14.97
C ILE B 466 -26.78 -5.79 -14.81
N GLU B 467 -26.11 -5.73 -13.70
CA GLU B 467 -25.31 -4.57 -13.41
C GLU B 467 -24.19 -4.45 -14.39
N ARG B 468 -23.53 -5.55 -14.66
CA ARG B 468 -22.41 -5.49 -15.56
C ARG B 468 -22.35 -6.75 -16.38
N GLU B 469 -21.78 -6.64 -17.56
CA GLU B 469 -21.75 -7.76 -18.44
C GLU B 469 -20.32 -8.02 -18.88
N PHE B 470 -19.76 -9.16 -18.57
CA PHE B 470 -18.39 -9.24 -19.03
C PHE B 470 -18.28 -10.16 -20.19
N ARG B 471 -17.49 -9.72 -21.17
CA ARG B 471 -17.30 -10.52 -22.36
C ARG B 471 -15.87 -10.92 -22.58
N PRO B 472 -15.69 -12.11 -23.05
CA PRO B 472 -14.37 -12.63 -23.27
C PRO B 472 -13.49 -11.72 -24.06
N GLY B 473 -12.18 -11.82 -23.82
CA GLY B 473 -11.13 -11.01 -24.47
C GLY B 473 -9.89 -11.86 -24.80
N ILE B 474 -9.95 -13.14 -24.42
CA ILE B 474 -8.93 -14.09 -24.74
C ILE B 474 -9.39 -15.22 -25.61
N GLU B 475 -8.43 -15.48 -26.50
CA GLU B 475 -8.43 -16.43 -27.58
C GLU B 475 -8.25 -17.89 -27.18
N THR B 476 -9.14 -18.69 -27.78
CA THR B 476 -9.24 -20.13 -27.64
C THR B 476 -7.91 -20.77 -27.33
N THR B 477 -6.90 -20.34 -28.02
CA THR B 477 -5.65 -20.95 -27.75
C THR B 477 -5.15 -20.59 -26.38
N GLU B 478 -5.22 -19.29 -26.09
CA GLU B 478 -4.84 -18.83 -24.77
C GLU B 478 -5.70 -19.56 -23.76
N ARG B 479 -7.00 -19.26 -23.86
CA ARG B 479 -7.97 -19.91 -23.03
C ARG B 479 -7.51 -21.31 -22.74
N ASN B 480 -7.26 -22.03 -23.81
CA ASN B 480 -6.86 -23.41 -23.72
C ASN B 480 -5.53 -23.68 -23.09
N TYR B 481 -4.51 -23.07 -23.61
CA TYR B 481 -3.20 -23.18 -23.03
C TYR B 481 -3.25 -23.02 -21.52
N ARG B 482 -3.62 -21.83 -21.13
CA ARG B 482 -3.76 -21.50 -19.74
C ARG B 482 -4.44 -22.61 -18.93
N TYR B 483 -5.64 -23.02 -19.35
CA TYR B 483 -6.39 -24.04 -18.65
C TYR B 483 -5.52 -25.23 -18.33
N ALA B 484 -4.81 -25.67 -19.36
CA ALA B 484 -3.91 -26.79 -19.22
C ALA B 484 -3.08 -26.72 -17.96
N GLY B 485 -2.30 -25.64 -17.88
CA GLY B 485 -1.46 -25.42 -16.74
C GLY B 485 -2.24 -25.72 -15.49
N TRP B 486 -3.42 -25.15 -15.42
CA TRP B 486 -4.25 -25.35 -14.27
C TRP B 486 -4.41 -26.82 -14.02
N LYS B 487 -4.90 -27.43 -15.05
CA LYS B 487 -5.04 -28.85 -14.95
C LYS B 487 -3.75 -29.55 -14.49
N LYS B 488 -2.61 -29.19 -15.06
CA LYS B 488 -1.30 -29.78 -14.70
C LYS B 488 -1.06 -29.69 -13.20
N ALA B 489 -1.19 -28.45 -12.72
CA ALA B 489 -0.98 -28.15 -11.34
C ALA B 489 -1.89 -29.01 -10.50
N VAL B 490 -3.17 -28.91 -10.85
CA VAL B 490 -4.15 -29.65 -10.09
C VAL B 490 -3.67 -31.03 -9.73
N LYS B 491 -3.24 -31.77 -10.72
CA LYS B 491 -2.78 -33.08 -10.39
C LYS B 491 -1.77 -33.05 -9.31
N ARG B 492 -0.72 -32.26 -9.49
CA ARG B 492 0.34 -32.26 -8.51
C ARG B 492 -0.18 -32.02 -7.10
N ALA B 493 -1.31 -31.39 -6.96
CA ALA B 493 -1.73 -31.21 -5.60
C ALA B 493 -2.49 -32.40 -5.03
N MET B 494 -2.85 -33.36 -5.88
CA MET B 494 -3.69 -34.43 -5.38
C MET B 494 -3.00 -35.50 -4.61
N ALA B 495 -3.75 -36.09 -3.69
CA ALA B 495 -3.25 -37.19 -2.93
C ALA B 495 -2.08 -36.84 -2.04
N TRP B 496 -1.96 -35.60 -1.72
CA TRP B 496 -0.89 -35.22 -0.87
C TRP B 496 -1.02 -35.88 0.47
N GLU B 497 -2.19 -35.77 1.02
CA GLU B 497 -2.45 -36.29 2.34
C GLU B 497 -2.25 -37.73 2.59
N GLU B 498 -1.54 -37.87 3.70
CA GLU B 498 -1.14 -39.13 4.24
C GLU B 498 -2.35 -39.86 4.74
N HIS B 499 -2.82 -40.80 3.95
CA HIS B 499 -3.95 -41.51 4.43
C HIS B 499 -3.76 -41.77 5.93
P1 FBP C . 52.50 12.02 -9.20
P1 FBP C . 51.66 0.29 -17.37
O1P FBP C . 51.23 11.31 -8.92
O1P FBP C . 50.66 0.53 -16.30
O2P FBP C . 53.21 12.05 -7.89
O2P FBP C . 50.96 0.31 -18.68
O3P FBP C . 52.16 13.20 -10.05
O3P FBP C . 52.43 -0.93 -16.98
O1 FBP C . 53.40 11.07 -10.10
O1 FBP C . 52.71 1.50 -17.37
C1 FBP C . 54.12 10.00 -9.46
C1 FBP C . 52.53 2.70 -18.13
C2 FBP C . 54.83 9.17 -10.52
C2 FBP C . 53.07 3.87 -17.30
O2 FBP C . 56.10 8.65 -10.10
O2 FBP C . 52.39 5.09 -17.57
C3 FBP C . 55.50 9.97 -11.61
C3 FBP C . 54.51 4.26 -17.59
O3 FBP C . 56.88 10.11 -11.33
O3 FBP C . 54.64 5.08 -18.76
C4 FBP C . 55.29 9.10 -12.84
C4 FBP C . 54.85 5.10 -16.37
O4 FBP C . 55.01 9.90 -13.98
O4 FBP C . 56.24 5.11 -16.10
C5 FBP C . 54.04 8.38 -12.52
C5 FBP C . 54.17 4.29 -15.30
O5 FBP C . 54.09 8.08 -11.12
O5 FBP C . 53.00 3.66 -15.87
C6 FBP C . 53.87 7.10 -13.31
C6 FBP C . 53.80 5.11 -14.08
O6 FBP C . 52.71 7.26 -14.11
O6 FBP C . 52.41 4.94 -13.84
P2 FBP C . 51.54 6.24 -13.79
P2 FBP C . 51.65 6.14 -13.14
O4P FBP C . 51.66 5.09 -14.70
O4P FBP C . 52.61 6.84 -12.24
O5P FBP C . 51.75 5.75 -12.40
O5P FBP C . 51.25 7.07 -14.21
O6P FBP C . 50.28 6.90 -14.13
O6P FBP C . 50.60 5.54 -12.28
C1 GOL D . 24.32 23.67 2.67
O1 GOL D . 23.79 24.81 3.34
C2 GOL D . 23.55 23.41 1.36
O2 GOL D . 24.37 23.49 0.21
C3 GOL D . 22.96 22.03 1.39
O3 GOL D . 22.45 21.71 0.09
C1 GOL E . -21.63 -25.81 1.41
O1 GOL E . -22.43 -26.89 0.96
C2 GOL E . -22.31 -24.49 1.01
O2 GOL E . -23.63 -24.41 1.53
C3 GOL E . -21.50 -23.33 1.56
O3 GOL E . -22.14 -22.08 1.30
#